data_4KYT
#
_entry.id   4KYT
#
_cell.length_a   61.591
_cell.length_b   93.094
_cell.length_c   316.375
_cell.angle_alpha   90.00
_cell.angle_beta   90.00
_cell.angle_gamma   90.00
#
_symmetry.space_group_name_H-M   'P 21 21 21'
#
loop_
_entity.id
_entity.type
_entity.pdbx_description
1 polymer SERCA1a
2 polymer 'Cardiac phospholamban'
3 branched alpha-D-glucopyranose-(1-4)-alpha-D-glucopyranose
4 non-polymer 'POTASSIUM ION'
#
loop_
_entity_poly.entity_id
_entity_poly.type
_entity_poly.pdbx_seq_one_letter_code
_entity_poly.pdbx_strand_id
1 'polypeptide(L)'
;MEAAHSKSTEECLAYFGVSETTGLTPDQVKRHLEKYGHNELPAEEGKSLWELVIEQFEDLLVRILLLAACISFVLAWFEE
GEETITAFVEPFVILLILIANAIVGVWQERNAENAIEALKEYEPEMGKVYRADRKSVQRIKARDIVPGDIVEVAVGDKVP
ADIRILSIKSTTLRVDQSILTGESVSVIKHTEPVPDPRAVNQDKKNMLFSGTNIAAGKALGIVATTGVSTEIGKIRDQMA
ATEQDKTPLQQKLDEFGEQLSKVISLICVAVWLINIGHFNDPVHGGSWIRGAIYYFKIAVALAVAAIPEGLPAVITTCLA
LGTRRMAKKNAIVRSLPSVETLGCTSVICSDKTGTLTTNQMSVCKMFIIDKVDGDFCSLNEFSITGSTYAPEGEVLKNDK
PIRSGQFDGLVELATICALCNDSSLDFNETKGVYEKVGEATETALTTLVEKMNVFNTEVRNLSKVERANACNSVIRQLMK
KEFTLEFSRDRKSMSVYCSPAKSSRAAVGNKMFVKGAPEGVIDRCNYVRVGTTRVPMTGPVKEKILSVIKEWGTGRDTLR
CLALATRDTPPKREEMVLDDSSRFMEYETDLTFVGVVGMLDPPRKEVMGSIQLCRDAGIRVIMITGDNKGTAIAICRRIG
IFGENEEVADRAYTGREFDDLPLAEQREACRRACCFARVEPSHKSKIVEYLQSYDEITAMTGDGVNDAPALKKAEIGIAM
GSGTAVAKTASEMVLADDNFSTIVAAVEEGRAIYNNMKQFIRYLISSNVGEVVCIFLTAALGLPEALIPVQLLWVNLVTD
GLPATALGFNPPDLDIMDRPPRSPKEPLISGWLFFRYMAIGGYVGAATVGAAAWWFMYAEDGPGVTYHQLTHFMQCTEDH
PHFEGLDCEIFEAPEPMTMALSVLVTIEMCNALNSLSENQSLMRMPPWVNIWLLGSICLSMSLHFLILYVDPLPMIFKLK
ALDLTQWLMVLKISLPVIGLDEILKFIARNYLEG
;
A
2 'polypeptide(L)' MDKVQYLTRSAIRRASTIEMPQQARQALQCLFINFCAILICLLLICIIGMLL B,C
#
loop_
_chem_comp.id
_chem_comp.type
_chem_comp.name
_chem_comp.formula
GLC D-saccharide, alpha linking alpha-D-glucopyranose 'C6 H12 O6'
K non-polymer 'POTASSIUM ION' 'K 1'
#
# COMPACT_ATOMS: atom_id res chain seq x y z
N MET A 1 10.61 22.21 29.22
CA MET A 1 10.25 22.33 30.67
C MET A 1 10.25 20.98 31.38
N GLU A 2 11.31 20.72 32.14
CA GLU A 2 11.60 19.37 32.63
C GLU A 2 10.55 18.72 33.56
N ALA A 3 10.07 19.42 34.59
CA ALA A 3 9.16 18.78 35.56
C ALA A 3 7.72 19.33 35.57
N ALA A 4 7.10 19.37 34.41
CA ALA A 4 5.78 19.97 34.27
C ALA A 4 4.67 19.23 35.03
N HIS A 5 4.85 17.94 35.27
CA HIS A 5 3.84 17.16 35.98
C HIS A 5 3.67 17.58 37.45
N SER A 6 4.68 18.28 37.96
CA SER A 6 4.72 18.63 39.37
C SER A 6 4.30 20.06 39.61
N LYS A 7 4.02 20.79 38.54
CA LYS A 7 3.66 22.20 38.66
C LYS A 7 2.22 22.45 38.25
N SER A 8 1.71 23.62 38.61
CA SER A 8 0.37 24.00 38.25
C SER A 8 0.28 24.29 36.75
N THR A 9 -0.93 24.19 36.21
CA THR A 9 -1.19 24.62 34.84
C THR A 9 -0.68 26.06 34.69
N GLU A 10 -1.02 26.88 35.67
CA GLU A 10 -0.61 28.28 35.77
C GLU A 10 0.91 28.48 35.78
N GLU A 11 1.66 27.52 36.34
CA GLU A 11 3.14 27.58 36.30
C GLU A 11 3.69 27.23 34.92
N CYS A 12 3.04 26.29 34.24
CA CYS A 12 3.44 25.89 32.89
C CYS A 12 3.15 26.98 31.84
N LEU A 13 1.97 27.60 31.92
CA LEU A 13 1.63 28.75 31.07
C LEU A 13 2.60 29.90 31.34
N ALA A 14 2.89 30.12 32.63
CA ALA A 14 3.84 31.17 33.08
C ALA A 14 5.22 30.94 32.50
N TYR A 15 5.69 29.70 32.60
CA TYR A 15 7.05 29.32 32.19
C TYR A 15 7.36 29.66 30.73
N PHE A 16 6.43 29.37 29.83
CA PHE A 16 6.64 29.66 28.41
C PHE A 16 6.11 31.03 28.01
N GLY A 17 5.32 31.64 28.90
CA GLY A 17 4.77 32.97 28.64
C GLY A 17 3.77 32.90 27.53
N VAL A 18 2.77 32.04 27.70
CA VAL A 18 1.76 31.79 26.67
C VAL A 18 0.34 31.91 27.22
N SER A 19 -0.50 32.58 26.45
CA SER A 19 -1.92 32.66 26.75
C SER A 19 -2.58 31.34 26.38
N GLU A 20 -3.48 30.88 27.24
CA GLU A 20 -4.11 29.58 27.07
C GLU A 20 -5.25 29.65 26.06
N THR A 21 -5.82 30.83 25.90
CA THR A 21 -6.94 31.01 24.97
C THR A 21 -6.41 31.35 23.59
N THR A 22 -5.21 31.90 23.55
CA THR A 22 -4.59 32.38 22.32
C THR A 22 -3.61 31.39 21.66
N GLY A 23 -2.69 30.86 22.49
CA GLY A 23 -1.58 30.06 22.01
C GLY A 23 -0.41 30.91 21.57
N LEU A 24 0.71 30.28 21.23
CA LEU A 24 1.91 31.01 20.86
C LEU A 24 1.69 31.93 19.67
N THR A 25 2.43 33.02 19.65
CA THR A 25 2.46 33.98 18.53
C THR A 25 3.44 33.48 17.47
N PRO A 26 3.34 33.97 16.22
CA PRO A 26 4.29 33.58 15.18
C PRO A 26 5.74 33.89 15.58
N ASP A 27 5.92 34.97 16.35
CA ASP A 27 7.22 35.33 16.87
C ASP A 27 7.72 34.32 17.90
N GLN A 28 6.85 33.92 18.81
CA GLN A 28 7.21 32.92 19.83
C GLN A 28 7.55 31.56 19.18
N VAL A 29 6.63 31.04 18.37
CA VAL A 29 6.88 29.85 17.56
C VAL A 29 8.29 29.92 16.94
N LYS A 30 8.58 31.03 16.27
CA LYS A 30 9.87 31.23 15.64
C LYS A 30 11.05 31.09 16.62
N ARG A 31 10.95 31.72 17.79
CA ARG A 31 12.05 31.70 18.76
C ARG A 31 12.18 30.34 19.43
N HIS A 32 11.03 29.73 19.74
CA HIS A 32 10.97 28.39 20.33
C HIS A 32 11.50 27.31 19.37
N LEU A 33 11.16 27.48 18.08
CA LEU A 33 11.65 26.59 17.03
C LEU A 33 13.18 26.58 16.97
N GLU A 34 13.78 27.73 17.20
CA GLU A 34 15.24 27.86 17.23
C GLU A 34 15.82 27.22 18.50
N LYS A 35 15.24 27.55 19.66
CA LYS A 35 15.72 27.10 20.98
C LYS A 35 15.62 25.59 21.20
N TYR A 36 14.53 25.00 20.74
CA TYR A 36 14.19 23.63 21.10
C TYR A 36 14.26 22.62 19.94
N GLY A 37 14.46 23.11 18.72
CA GLY A 37 14.49 22.25 17.53
C GLY A 37 13.12 21.77 17.10
N HIS A 38 13.09 20.88 16.11
CA HIS A 38 11.84 20.27 15.63
C HIS A 38 11.36 19.12 16.51
N ASN A 39 10.06 18.84 16.46
CA ASN A 39 9.45 17.79 17.25
C ASN A 39 9.71 16.43 16.62
N GLU A 40 10.97 16.01 16.67
CA GLU A 40 11.39 14.80 15.96
C GLU A 40 12.73 14.28 16.46
N LEU A 41 12.95 12.99 16.25
CA LEU A 41 14.28 12.38 16.37
C LEU A 41 15.20 12.96 15.31
N PRO A 42 16.46 13.25 15.67
CA PRO A 42 17.42 13.81 14.71
C PRO A 42 17.68 12.85 13.54
N ALA A 43 17.69 13.40 12.33
CA ALA A 43 17.98 12.64 11.11
C ALA A 43 19.40 12.09 11.16
N GLU A 44 19.54 10.78 10.98
CA GLU A 44 20.86 10.15 10.93
C GLU A 44 21.46 10.18 9.52
N GLU A 45 22.62 10.82 9.41
CA GLU A 45 23.31 11.02 8.14
C GLU A 45 23.83 9.71 7.55
N SER A 48 26.69 6.49 2.14
CA SER A 48 26.96 7.59 1.21
C SER A 48 27.74 7.19 -0.07
N LEU A 49 27.62 8.05 -1.09
CA LEU A 49 28.03 7.80 -2.48
C LEU A 49 29.34 7.00 -2.68
N TRP A 50 30.38 7.38 -1.94
CA TRP A 50 31.68 6.73 -1.98
C TRP A 50 31.78 5.61 -0.94
N GLU A 51 31.26 5.87 0.25
CA GLU A 51 31.32 4.92 1.38
C GLU A 51 30.71 3.56 1.04
N LEU A 52 29.64 3.57 0.24
CA LEU A 52 28.92 2.35 -0.08
C LEU A 52 29.56 1.50 -1.18
N VAL A 53 30.54 2.06 -1.89
CA VAL A 53 31.27 1.33 -2.93
C VAL A 53 32.28 0.38 -2.32
N ILE A 54 32.97 0.82 -1.26
CA ILE A 54 33.96 0.02 -0.53
C ILE A 54 33.36 -1.23 0.10
N GLU A 55 32.06 -1.18 0.38
CA GLU A 55 31.30 -2.29 0.96
C GLU A 55 31.49 -3.62 0.20
N GLN A 56 31.43 -3.55 -1.13
CA GLN A 56 31.54 -4.72 -1.99
C GLN A 56 32.94 -5.32 -1.97
N PHE A 57 33.93 -4.47 -1.72
CA PHE A 57 35.33 -4.88 -1.70
C PHE A 57 35.75 -5.52 -0.36
N GLU A 58 34.81 -5.59 0.59
CA GLU A 58 35.05 -6.26 1.87
C GLU A 58 34.95 -7.78 1.72
N ASP A 59 34.25 -8.24 0.67
CA ASP A 59 34.04 -9.67 0.41
C ASP A 59 35.35 -10.43 0.22
N LEU A 60 35.47 -11.52 0.95
CA LEU A 60 36.63 -12.42 0.91
C LEU A 60 36.92 -12.93 -0.51
N LEU A 61 35.89 -13.40 -1.19
CA LEU A 61 36.01 -14.00 -2.53
C LEU A 61 36.30 -12.96 -3.61
N VAL A 62 35.93 -11.70 -3.35
CA VAL A 62 36.27 -10.61 -4.27
C VAL A 62 37.74 -10.27 -4.17
N ARG A 63 38.25 -10.13 -2.94
CA ARG A 63 39.66 -9.82 -2.73
C ARG A 63 40.60 -10.99 -3.10
N ILE A 64 40.14 -12.22 -2.92
CA ILE A 64 40.90 -13.40 -3.36
C ILE A 64 41.25 -13.30 -4.85
N LEU A 65 40.33 -12.75 -5.64
CA LEU A 65 40.58 -12.47 -7.07
C LEU A 65 41.67 -11.41 -7.26
N LEU A 66 41.53 -10.29 -6.56
CA LEU A 66 42.49 -9.17 -6.65
C LEU A 66 43.92 -9.61 -6.31
N LEU A 67 44.10 -10.22 -5.14
CA LEU A 67 45.41 -10.77 -4.71
C LEU A 67 46.02 -11.75 -5.73
N ALA A 68 45.18 -12.56 -6.36
CA ALA A 68 45.60 -13.48 -7.42
C ALA A 68 46.04 -12.74 -8.69
N ALA A 69 45.43 -11.59 -8.96
CA ALA A 69 45.83 -10.74 -10.08
C ALA A 69 47.01 -9.83 -9.74
N CYS A 70 47.29 -9.68 -8.45
CA CYS A 70 48.49 -8.98 -7.98
C CYS A 70 49.72 -9.89 -8.01
N ILE A 71 49.55 -11.12 -7.53
CA ILE A 71 50.60 -12.14 -7.59
C ILE A 71 50.95 -12.44 -9.05
N SER A 72 49.93 -12.42 -9.91
CA SER A 72 50.11 -12.64 -11.34
C SER A 72 50.79 -11.44 -12.02
N PHE A 73 50.62 -10.25 -11.45
CA PHE A 73 51.25 -9.03 -11.97
C PHE A 73 52.70 -8.90 -11.54
N VAL A 74 52.96 -9.24 -10.27
CA VAL A 74 54.32 -9.17 -9.71
C VAL A 74 55.25 -10.18 -10.38
N LEU A 75 54.74 -11.39 -10.65
CA LEU A 75 55.49 -12.42 -11.37
C LEU A 75 55.81 -12.05 -12.82
N ALA A 76 54.99 -11.18 -13.40
CA ALA A 76 55.24 -10.67 -14.75
C ALA A 76 56.35 -9.62 -14.75
N TRP A 77 56.31 -8.72 -13.76
CA TRP A 77 57.22 -7.58 -13.67
C TRP A 77 58.67 -7.96 -13.32
N PHE A 78 58.86 -9.19 -12.85
CA PHE A 78 60.19 -9.70 -12.52
C PHE A 78 60.55 -10.94 -13.34
N GLU A 79 59.85 -11.15 -14.46
CA GLU A 79 60.06 -12.33 -15.30
C GLU A 79 61.30 -12.19 -16.17
N THR A 86 48.32 -7.70 -22.05
CA THR A 86 47.34 -8.67 -21.60
C THR A 86 47.49 -8.99 -20.10
N ALA A 87 48.59 -9.62 -19.74
CA ALA A 87 48.85 -10.00 -18.34
C ALA A 87 49.27 -8.81 -17.47
N PHE A 88 49.66 -7.71 -18.12
CA PHE A 88 50.15 -6.52 -17.43
C PHE A 88 49.00 -5.68 -16.87
N VAL A 89 47.97 -5.44 -17.69
CA VAL A 89 46.84 -4.61 -17.28
C VAL A 89 45.73 -5.36 -16.56
N GLU A 90 45.81 -6.69 -16.55
CA GLU A 90 44.78 -7.54 -15.93
C GLU A 90 44.33 -7.10 -14.53
N PRO A 91 45.29 -6.84 -13.60
CA PRO A 91 44.86 -6.33 -12.29
C PRO A 91 44.22 -4.94 -12.36
N PHE A 92 44.69 -4.10 -13.27
CA PHE A 92 44.11 -2.76 -13.46
C PHE A 92 42.70 -2.81 -14.05
N VAL A 93 42.47 -3.76 -14.95
CA VAL A 93 41.18 -3.88 -15.65
C VAL A 93 40.11 -4.43 -14.71
N ILE A 94 40.40 -5.57 -14.09
CA ILE A 94 39.49 -6.18 -13.11
C ILE A 94 39.02 -5.15 -12.07
N LEU A 95 39.97 -4.43 -11.47
CA LEU A 95 39.65 -3.39 -10.49
C LEU A 95 38.65 -2.38 -11.05
N LEU A 96 38.88 -1.94 -12.29
CA LEU A 96 37.98 -0.97 -12.93
C LEU A 96 36.58 -1.54 -13.19
N ILE A 97 36.51 -2.81 -13.59
CA ILE A 97 35.23 -3.48 -13.82
C ILE A 97 34.47 -3.70 -12.51
N LEU A 98 35.19 -4.10 -11.47
CA LEU A 98 34.56 -4.39 -10.17
C LEU A 98 34.10 -3.14 -9.42
N ILE A 99 34.77 -2.01 -9.62
CA ILE A 99 34.24 -0.75 -9.10
C ILE A 99 32.99 -0.36 -9.86
N ALA A 100 32.93 -0.70 -11.15
CA ALA A 100 31.79 -0.37 -12.00
C ALA A 100 30.59 -1.26 -11.71
N ASN A 101 30.85 -2.53 -11.41
CA ASN A 101 29.81 -3.48 -11.02
C ASN A 101 29.25 -3.13 -9.65
N ALA A 102 30.12 -2.60 -8.78
CA ALA A 102 29.72 -2.11 -7.47
C ALA A 102 28.86 -0.86 -7.60
N ILE A 103 29.36 0.15 -8.33
CA ILE A 103 28.64 1.42 -8.52
C ILE A 103 27.22 1.20 -9.06
N VAL A 104 27.09 0.37 -10.10
CA VAL A 104 25.80 0.08 -10.74
C VAL A 104 24.80 -0.58 -9.79
N GLY A 105 25.27 -1.52 -8.97
CA GLY A 105 24.41 -2.26 -8.04
C GLY A 105 24.13 -1.56 -6.72
N VAL A 106 25.08 -0.75 -6.27
CA VAL A 106 24.94 0.00 -5.03
C VAL A 106 24.12 1.28 -5.22
N TRP A 107 24.15 1.83 -6.43
CA TRP A 107 23.37 3.02 -6.75
C TRP A 107 21.86 2.74 -6.85
N GLN A 108 21.50 1.55 -7.31
CA GLN A 108 20.10 1.12 -7.39
C GLN A 108 19.53 0.91 -5.99
N GLU A 109 20.31 0.21 -5.16
CA GLU A 109 19.89 -0.15 -3.80
C GLU A 109 19.53 1.07 -2.99
N ARG A 110 20.36 2.11 -3.07
CA ARG A 110 20.15 3.33 -2.29
C ARG A 110 18.92 4.12 -2.74
N ASN A 111 18.70 4.20 -4.05
CA ASN A 111 17.52 4.90 -4.58
C ASN A 111 16.18 4.21 -4.27
N ALA A 112 16.20 2.88 -4.28
CA ALA A 112 15.06 2.09 -3.88
C ALA A 112 14.75 2.35 -2.42
N GLU A 113 15.78 2.29 -1.58
CA GLU A 113 15.66 2.52 -0.15
C GLU A 113 15.18 3.93 0.17
N ASN A 114 15.58 4.90 -0.66
CA ASN A 114 15.16 6.29 -0.47
C ASN A 114 13.71 6.52 -0.87
N ALA A 115 13.33 5.97 -2.02
CA ALA A 115 11.96 6.04 -2.52
C ALA A 115 10.97 5.39 -1.55
N ILE A 116 11.36 4.23 -0.99
CA ILE A 116 10.52 3.50 -0.04
C ILE A 116 10.38 4.25 1.28
N GLU A 117 11.48 4.81 1.75
CA GLU A 117 11.47 5.71 2.91
C GLU A 117 10.55 6.92 2.67
N ALA A 118 10.53 7.42 1.44
CA ALA A 118 9.75 8.61 1.08
C ALA A 118 8.25 8.35 0.99
N LEU A 119 7.84 7.11 1.26
CA LEU A 119 6.42 6.78 1.36
C LEU A 119 5.79 7.44 2.58
N LYS A 120 6.63 7.68 3.60
CA LYS A 120 6.21 8.32 4.84
C LYS A 120 5.66 9.75 4.68
N GLU A 121 5.92 10.35 3.52
CA GLU A 121 5.41 11.70 3.24
C GLU A 121 3.93 11.73 2.88
N TYR A 122 3.38 10.57 2.47
CA TYR A 122 1.95 10.48 2.14
C TYR A 122 1.05 10.57 3.36
N GLU A 123 1.53 10.08 4.50
CA GLU A 123 0.73 10.19 5.72
C GLU A 123 1.62 10.63 6.90
N PRO A 124 1.97 11.94 6.94
CA PRO A 124 2.89 12.45 7.95
C PRO A 124 2.20 12.69 9.28
N GLU A 125 2.94 12.49 10.37
CA GLU A 125 2.46 12.70 11.72
C GLU A 125 1.89 14.11 11.86
N MET A 126 0.62 14.21 12.27
CA MET A 126 -0.08 15.50 12.40
C MET A 126 -0.41 15.84 13.87
N GLY A 127 -0.58 17.15 14.13
CA GLY A 127 -0.93 17.68 15.47
C GLY A 127 -1.98 18.77 15.36
N LYS A 128 -2.66 19.07 16.48
CA LYS A 128 -3.60 20.20 16.52
C LYS A 128 -3.22 21.32 17.51
N VAL A 129 -3.04 22.53 16.99
CA VAL A 129 -2.68 23.67 17.85
C VAL A 129 -3.64 24.86 17.76
N TYR A 130 -3.77 25.59 18.86
CA TYR A 130 -4.27 26.99 18.84
C TYR A 130 -3.05 27.87 18.87
N ARG A 131 -2.95 28.73 17.88
CA ARG A 131 -1.89 29.72 17.86
C ARG A 131 -2.48 31.12 17.71
N ALA A 132 -1.68 32.14 17.92
CA ALA A 132 -2.24 33.49 18.01
C ALA A 132 -2.77 33.98 16.67
N ASP A 133 -2.27 33.42 15.57
CA ASP A 133 -2.58 33.93 14.23
C ASP A 133 -3.98 33.54 13.71
N ARG A 134 -4.63 32.58 14.35
CA ARG A 134 -6.00 32.21 13.99
C ARG A 134 -6.81 31.93 15.26
N LYS A 135 -8.12 32.00 15.14
CA LYS A 135 -8.99 31.72 16.27
C LYS A 135 -9.34 30.23 16.26
N SER A 136 -9.46 29.70 15.04
CA SER A 136 -9.82 28.32 14.78
C SER A 136 -8.62 27.43 15.09
N VAL A 137 -8.88 26.14 15.32
CA VAL A 137 -7.81 25.17 15.53
C VAL A 137 -7.05 24.97 14.24
N GLN A 138 -5.75 24.73 14.36
CA GLN A 138 -4.89 24.54 13.21
C GLN A 138 -4.29 23.14 13.24
N ARG A 139 -4.49 22.41 12.16
CA ARG A 139 -3.88 21.10 11.99
C ARG A 139 -2.52 21.30 11.34
N ILE A 140 -1.45 20.87 12.01
CA ILE A 140 -0.08 21.05 11.51
C ILE A 140 0.74 19.77 11.67
N LYS A 141 1.88 19.70 10.99
CA LYS A 141 2.75 18.54 11.14
C LYS A 141 3.30 18.53 12.56
N ALA A 142 3.15 17.40 13.25
CA ALA A 142 3.70 17.23 14.59
C ALA A 142 5.14 17.73 14.68
N ARG A 143 5.87 17.56 13.59
CA ARG A 143 7.24 18.03 13.45
C ARG A 143 7.40 19.51 13.84
N ASP A 144 6.38 20.31 13.51
CA ASP A 144 6.43 21.74 13.71
C ASP A 144 5.86 22.17 15.05
N ILE A 145 5.49 21.21 15.87
CA ILE A 145 4.99 21.52 17.20
C ILE A 145 6.20 21.89 18.05
N VAL A 146 6.00 22.80 19.00
CA VAL A 146 7.11 23.33 19.80
C VAL A 146 6.76 23.32 21.30
N PRO A 147 7.77 23.22 22.18
CA PRO A 147 7.44 23.33 23.60
C PRO A 147 6.80 24.67 23.91
N GLY A 148 5.64 24.62 24.58
CA GLY A 148 4.88 25.81 24.90
C GLY A 148 3.59 26.01 24.11
N ASP A 149 3.33 25.24 23.05
CA ASP A 149 2.04 25.53 22.42
C ASP A 149 0.88 24.72 22.91
N ILE A 150 -0.31 25.20 22.56
CA ILE A 150 -1.55 24.77 23.14
C ILE A 150 -2.09 23.74 22.19
N VAL A 151 -2.35 22.55 22.71
CA VAL A 151 -2.64 21.39 21.88
C VAL A 151 -4.04 20.83 22.18
N GLU A 152 -4.73 20.44 21.13
CA GLU A 152 -6.03 19.81 21.27
C GLU A 152 -5.94 18.36 20.80
N VAL A 153 -6.31 17.43 21.68
CA VAL A 153 -6.41 16.01 21.31
C VAL A 153 -7.80 15.49 21.64
N ALA A 154 -8.31 14.59 20.80
CA ALA A 154 -9.60 13.96 21.03
C ALA A 154 -9.61 12.51 20.54
N VAL A 155 -10.71 11.80 20.79
CA VAL A 155 -10.80 10.36 20.48
C VAL A 155 -10.20 9.96 19.12
N GLY A 156 -9.29 9.01 19.13
CA GLY A 156 -8.64 8.52 17.91
C GLY A 156 -7.30 9.12 17.59
N ASP A 157 -6.97 10.25 18.24
CA ASP A 157 -5.74 10.98 17.95
C ASP A 157 -4.55 10.35 18.59
N LYS A 158 -3.40 10.45 17.92
CA LYS A 158 -2.11 10.13 18.50
C LYS A 158 -1.55 11.37 19.20
N VAL A 159 -1.16 11.23 20.47
CA VAL A 159 -0.55 12.34 21.17
C VAL A 159 0.74 12.75 20.45
N PRO A 160 0.84 14.04 20.07
CA PRO A 160 1.96 14.46 19.25
C PRO A 160 3.23 14.80 20.01
N ALA A 161 3.12 15.09 21.32
CA ALA A 161 4.28 15.48 22.14
C ALA A 161 3.99 15.27 23.61
N ASP A 162 4.97 15.52 24.47
CA ASP A 162 4.70 15.40 25.91
C ASP A 162 3.98 16.66 26.41
N ILE A 163 2.76 16.46 26.90
CA ILE A 163 1.86 17.56 27.16
C ILE A 163 1.34 17.59 28.59
N ARG A 164 1.42 18.74 29.24
CA ARG A 164 0.74 18.96 30.51
C ARG A 164 -0.73 19.34 30.22
N ILE A 165 -1.66 18.54 30.75
CA ILE A 165 -3.08 18.74 30.53
C ILE A 165 -3.57 20.03 31.21
N LEU A 166 -4.21 20.88 30.42
CA LEU A 166 -4.74 22.13 30.90
C LEU A 166 -6.18 21.96 31.35
N SER A 167 -7.04 21.47 30.44
CA SER A 167 -8.42 21.23 30.79
C SER A 167 -9.02 20.08 29.97
N ILE A 168 -9.78 19.23 30.65
CA ILE A 168 -10.48 18.10 30.05
C ILE A 168 -11.89 18.52 29.66
N LYS A 169 -12.14 18.58 28.35
CA LYS A 169 -13.41 19.13 27.81
C LYS A 169 -14.53 18.11 27.90
N SER A 170 -14.21 16.85 27.65
CA SER A 170 -15.19 15.81 27.81
C SER A 170 -15.40 15.57 29.31
N THR A 171 -16.43 14.79 29.61
CA THR A 171 -16.71 14.42 30.98
C THR A 171 -15.55 13.57 31.53
N THR A 172 -14.97 12.72 30.69
CA THR A 172 -13.78 11.95 31.07
C THR A 172 -12.80 11.69 29.91
N LEU A 173 -11.51 11.79 30.21
CA LEU A 173 -10.48 11.53 29.21
C LEU A 173 -9.85 10.16 29.47
N ARG A 174 -9.95 9.27 28.48
CA ARG A 174 -9.38 7.92 28.55
C ARG A 174 -8.21 7.77 27.57
N VAL A 175 -7.09 7.27 28.07
CA VAL A 175 -5.82 7.24 27.34
C VAL A 175 -5.21 5.84 27.30
N ASP A 176 -4.82 5.39 26.11
CA ASP A 176 -4.09 4.14 25.94
C ASP A 176 -2.58 4.43 25.87
N GLN A 177 -1.86 4.01 26.92
CA GLN A 177 -0.44 4.32 27.08
C GLN A 177 0.44 3.08 26.99
N SER A 178 -0.20 1.94 26.73
CA SER A 178 0.46 0.63 26.65
C SER A 178 1.83 0.64 25.99
N ILE A 179 1.95 1.37 24.89
CA ILE A 179 3.17 1.45 24.09
C ILE A 179 4.37 1.96 24.91
N LEU A 180 4.07 2.62 26.02
CA LEU A 180 5.09 3.18 26.89
C LEU A 180 5.14 2.46 28.24
N THR A 181 3.98 1.96 28.71
CA THR A 181 3.86 1.47 30.08
C THR A 181 3.38 0.01 30.24
N GLY A 182 3.02 -0.65 29.14
CA GLY A 182 2.62 -2.06 29.19
C GLY A 182 1.17 -2.34 29.61
N GLU A 183 0.60 -1.42 30.37
CA GLU A 183 -0.82 -1.47 30.78
C GLU A 183 -1.74 -1.23 29.56
N SER A 184 -2.55 -2.21 29.22
CA SER A 184 -3.46 -2.03 28.07
C SER A 184 -4.92 -1.83 28.49
N VAL A 185 -5.11 -1.34 29.72
CA VAL A 185 -6.41 -0.85 30.12
C VAL A 185 -6.30 0.68 30.09
N SER A 186 -7.14 1.32 29.30
CA SER A 186 -7.04 2.77 29.14
C SER A 186 -7.16 3.47 30.49
N VAL A 187 -6.49 4.62 30.61
CA VAL A 187 -6.25 5.25 31.90
C VAL A 187 -6.94 6.62 32.02
N ILE A 188 -7.42 6.92 33.23
CA ILE A 188 -8.07 8.19 33.56
C ILE A 188 -7.02 9.28 33.78
N LYS A 189 -7.39 10.51 33.47
CA LYS A 189 -6.48 11.65 33.64
C LYS A 189 -7.14 12.78 34.42
N HIS A 190 -6.30 13.60 35.07
CA HIS A 190 -6.77 14.81 35.73
C HIS A 190 -5.86 16.00 35.41
N THR A 191 -5.97 17.05 36.22
CA THR A 191 -5.39 18.34 35.91
C THR A 191 -4.54 18.94 37.02
N GLU A 192 -4.72 18.44 38.24
CA GLU A 192 -3.98 18.94 39.40
C GLU A 192 -2.49 18.55 39.33
N PRO A 193 -1.62 19.33 40.00
CA PRO A 193 -0.21 18.92 40.08
C PRO A 193 -0.02 17.56 40.77
N VAL A 194 1.01 16.84 40.33
CA VAL A 194 1.47 15.60 40.96
C VAL A 194 2.81 15.95 41.61
N PRO A 195 2.78 16.33 42.90
CA PRO A 195 3.90 16.92 43.66
C PRO A 195 5.26 16.26 43.57
N ASP A 196 5.31 14.92 43.62
CA ASP A 196 6.58 14.17 43.57
C ASP A 196 7.35 14.40 42.25
N PRO A 197 8.51 15.10 42.29
CA PRO A 197 9.26 15.39 41.07
C PRO A 197 10.01 14.17 40.53
N ARG A 198 10.17 13.16 41.37
CA ARG A 198 10.81 11.88 41.04
C ARG A 198 9.83 10.86 40.45
N ALA A 199 8.55 11.23 40.39
CA ALA A 199 7.45 10.32 40.05
C ALA A 199 7.66 9.54 38.76
N VAL A 200 7.21 8.27 38.77
CA VAL A 200 7.21 7.40 37.58
C VAL A 200 6.06 7.76 36.63
N ASN A 201 6.22 7.40 35.36
CA ASN A 201 5.23 7.70 34.32
C ASN A 201 3.80 7.29 34.67
N GLN A 202 3.63 6.10 35.22
CA GLN A 202 2.32 5.59 35.67
C GLN A 202 1.56 6.57 36.58
N ASP A 203 2.30 7.41 37.32
CA ASP A 203 1.74 8.30 38.37
C ASP A 203 1.46 9.71 37.86
N LYS A 204 2.02 10.03 36.69
CA LYS A 204 1.90 11.35 36.06
C LYS A 204 0.53 11.50 35.40
N LYS A 205 -0.52 11.43 36.22
CA LYS A 205 -1.89 11.32 35.74
C LYS A 205 -2.45 12.60 35.10
N ASN A 206 -1.61 13.63 35.00
CA ASN A 206 -1.99 14.91 34.44
C ASN A 206 -1.22 15.19 33.15
N MET A 207 -0.65 14.15 32.59
CA MET A 207 0.35 14.27 31.55
C MET A 207 -0.08 13.45 30.34
N LEU A 208 0.29 13.88 29.14
CA LEU A 208 0.00 13.10 27.95
C LEU A 208 1.32 12.89 27.23
N PHE A 209 1.67 11.63 27.03
CA PHE A 209 2.93 11.28 26.43
C PHE A 209 2.79 11.06 24.95
N SER A 210 3.69 11.70 24.20
CA SER A 210 3.90 11.47 22.80
C SER A 210 3.85 9.97 22.45
N GLY A 211 3.26 9.64 21.30
CA GLY A 211 3.14 8.25 20.86
C GLY A 211 1.94 7.50 21.41
N THR A 212 1.24 8.07 22.39
CA THR A 212 0.07 7.40 22.96
C THR A 212 -1.26 7.76 22.26
N ASN A 213 -2.38 7.30 22.82
CA ASN A 213 -3.69 7.37 22.17
C ASN A 213 -4.80 7.93 23.02
N ILE A 214 -5.70 8.65 22.38
CA ILE A 214 -6.92 9.02 23.07
C ILE A 214 -7.96 7.96 22.75
N ALA A 215 -8.30 7.17 23.76
CA ALA A 215 -9.28 6.08 23.65
C ALA A 215 -10.70 6.59 23.88
N ALA A 216 -10.81 7.79 24.45
CA ALA A 216 -12.07 8.53 24.57
C ALA A 216 -11.82 9.95 25.10
N GLY A 217 -12.67 10.87 24.68
CA GLY A 217 -12.69 12.19 25.26
C GLY A 217 -12.07 13.26 24.39
N LYS A 218 -11.68 14.36 25.03
CA LYS A 218 -11.16 15.55 24.39
C LYS A 218 -10.48 16.35 25.48
N ALA A 219 -9.34 16.96 25.15
CA ALA A 219 -8.60 17.71 26.14
C ALA A 219 -7.73 18.76 25.48
N LEU A 220 -7.44 19.80 26.24
CA LEU A 220 -6.54 20.83 25.84
C LEU A 220 -5.38 20.77 26.81
N GLY A 221 -4.18 21.08 26.32
CA GLY A 221 -2.96 20.98 27.11
C GLY A 221 -1.85 21.87 26.59
N ILE A 222 -0.77 21.97 27.34
CA ILE A 222 0.40 22.74 26.90
C ILE A 222 1.59 21.80 26.71
N VAL A 223 2.32 21.98 25.60
CA VAL A 223 3.47 21.14 25.29
C VAL A 223 4.66 21.46 26.21
N ALA A 224 5.16 20.43 26.91
CA ALA A 224 6.28 20.57 27.84
C ALA A 224 7.65 20.18 27.26
N THR A 225 7.69 19.10 26.49
CA THR A 225 8.94 18.62 25.89
C THR A 225 8.61 18.06 24.52
N THR A 226 9.57 18.13 23.60
CA THR A 226 9.41 17.56 22.26
C THR A 226 10.70 16.87 21.82
N GLY A 227 10.63 16.28 20.63
CA GLY A 227 11.73 15.53 20.06
C GLY A 227 12.28 14.52 21.02
N VAL A 228 13.57 14.65 21.30
CA VAL A 228 14.33 13.70 22.10
C VAL A 228 13.97 13.75 23.57
N SER A 229 13.72 14.95 24.10
CA SER A 229 13.44 15.11 25.52
C SER A 229 12.19 14.36 26.00
N THR A 230 11.43 13.82 25.06
CA THR A 230 10.16 13.19 25.38
C THR A 230 10.35 11.78 25.92
N GLU A 231 9.38 11.27 26.68
CA GLU A 231 9.53 9.95 27.33
C GLU A 231 9.84 8.82 26.34
N ILE A 232 9.05 8.75 25.27
CA ILE A 232 9.26 7.79 24.20
C ILE A 232 10.49 8.13 23.37
N GLY A 233 10.93 9.38 23.41
CA GLY A 233 12.10 9.82 22.66
C GLY A 233 13.40 9.41 23.33
N LYS A 234 13.37 9.31 24.67
CA LYS A 234 14.49 8.80 25.45
C LYS A 234 14.64 7.29 25.26
N ILE A 235 13.52 6.60 25.26
CA ILE A 235 13.44 5.16 25.02
C ILE A 235 13.93 4.80 23.61
N ARG A 236 13.52 5.58 22.61
CA ARG A 236 13.92 5.32 21.22
C ARG A 236 15.42 5.52 20.96
N ASP A 237 16.10 6.22 21.85
CA ASP A 237 17.56 6.36 21.80
C ASP A 237 18.25 5.05 22.24
N GLN A 238 17.90 4.60 23.45
CA GLN A 238 18.42 3.35 24.05
C GLN A 238 17.97 2.08 23.31
N MET A 239 16.79 2.15 22.69
CA MET A 239 16.24 1.08 21.86
C MET A 239 17.24 0.66 20.76
N ALA A 240 17.40 -0.65 20.62
CA ALA A 240 18.23 -1.23 19.57
C ALA A 240 17.41 -2.21 18.74
N ALA A 241 17.45 -2.05 17.43
CA ALA A 241 16.69 -2.89 16.50
C ALA A 241 17.49 -3.16 15.23
N ASP A 245 13.05 -8.84 11.64
CA ASP A 245 12.38 -10.14 11.50
C ASP A 245 12.03 -10.44 10.04
N LYS A 246 12.54 -11.58 9.53
CA LYS A 246 12.43 -11.93 8.10
C LYS A 246 11.08 -12.49 7.69
N THR A 247 10.58 -12.01 6.56
CA THR A 247 9.33 -12.48 5.98
C THR A 247 9.51 -13.88 5.36
N PRO A 248 8.41 -14.67 5.27
CA PRO A 248 8.45 -16.00 4.64
C PRO A 248 9.12 -16.07 3.26
N LEU A 249 8.98 -15.02 2.46
CA LEU A 249 9.59 -14.99 1.14
C LEU A 249 11.04 -14.55 1.22
N GLN A 250 11.41 -13.86 2.29
CA GLN A 250 12.81 -13.54 2.55
C GLN A 250 13.58 -14.76 3.03
N GLN A 251 12.95 -15.58 3.87
CA GLN A 251 13.52 -16.85 4.33
C GLN A 251 13.72 -17.81 3.16
N LYS A 252 12.73 -17.92 2.30
CA LYS A 252 12.79 -18.84 1.17
C LYS A 252 13.77 -18.38 0.07
N LEU A 253 14.06 -17.09 0.05
CA LEU A 253 15.06 -16.53 -0.86
C LEU A 253 16.48 -16.63 -0.30
N ASP A 254 16.64 -16.42 1.00
CA ASP A 254 17.94 -16.59 1.66
C ASP A 254 18.38 -18.05 1.66
N GLU A 255 17.46 -18.94 2.00
CA GLU A 255 17.68 -20.38 2.02
C GLU A 255 18.06 -20.90 0.63
N PHE A 256 17.35 -20.44 -0.40
CA PHE A 256 17.68 -20.78 -1.78
C PHE A 256 18.99 -20.15 -2.20
N GLY A 257 19.26 -18.95 -1.69
CA GLY A 257 20.53 -18.26 -1.93
C GLY A 257 21.73 -19.08 -1.46
N GLU A 258 21.54 -19.84 -0.38
CA GLU A 258 22.59 -20.70 0.17
C GLU A 258 22.67 -22.04 -0.54
N GLN A 259 21.53 -22.54 -1.02
CA GLN A 259 21.48 -23.78 -1.80
C GLN A 259 22.21 -23.59 -3.14
N LEU A 260 22.03 -22.41 -3.74
CA LEU A 260 22.68 -22.05 -5.00
C LEU A 260 24.14 -21.71 -4.78
N SER A 261 24.42 -21.00 -3.68
CA SER A 261 25.78 -20.55 -3.33
C SER A 261 26.76 -21.71 -3.14
N LYS A 262 26.31 -22.77 -2.46
CA LYS A 262 27.21 -23.86 -2.09
C LYS A 262 27.44 -24.85 -3.22
N VAL A 263 26.43 -25.04 -4.08
CA VAL A 263 26.58 -25.88 -5.28
C VAL A 263 27.61 -25.25 -6.23
N ILE A 264 27.48 -23.95 -6.46
CA ILE A 264 28.40 -23.23 -7.33
C ILE A 264 29.82 -23.15 -6.76
N SER A 265 29.93 -23.06 -5.43
CA SER A 265 31.24 -23.04 -4.78
C SER A 265 31.97 -24.38 -4.90
N LEU A 266 31.23 -25.49 -4.87
CA LEU A 266 31.79 -26.82 -5.08
C LEU A 266 32.24 -27.04 -6.51
N ILE A 267 31.43 -26.55 -7.46
CA ILE A 267 31.74 -26.68 -8.88
C ILE A 267 32.93 -25.80 -9.26
N CYS A 268 33.10 -24.68 -8.57
CA CYS A 268 34.26 -23.80 -8.77
C CYS A 268 35.59 -24.45 -8.36
N VAL A 269 35.59 -25.12 -7.21
CA VAL A 269 36.75 -25.85 -6.73
C VAL A 269 36.96 -27.09 -7.60
N ALA A 270 35.88 -27.64 -8.14
CA ALA A 270 35.95 -28.77 -9.08
C ALA A 270 36.58 -28.39 -10.43
N VAL A 271 36.64 -27.09 -10.71
CA VAL A 271 37.35 -26.57 -11.89
C VAL A 271 38.86 -26.48 -11.60
N TRP A 272 39.20 -26.25 -10.33
CA TRP A 272 40.60 -26.19 -9.90
C TRP A 272 41.21 -27.60 -9.73
N LEU A 273 40.36 -28.61 -9.73
CA LEU A 273 40.81 -29.99 -9.54
C LEU A 273 41.00 -30.74 -10.85
N ILE A 274 39.96 -30.79 -11.69
CA ILE A 274 40.00 -31.57 -12.94
C ILE A 274 41.16 -31.14 -13.85
N ASN A 275 41.53 -29.86 -13.78
CA ASN A 275 42.79 -29.39 -14.37
C ASN A 275 43.97 -29.68 -13.46
N ILE A 276 44.16 -30.97 -13.20
CA ILE A 276 45.25 -31.49 -12.37
C ILE A 276 46.63 -31.23 -12.99
N GLY A 277 46.97 -32.00 -14.02
CA GLY A 277 48.30 -32.01 -14.62
C GLY A 277 48.72 -30.72 -15.31
N HIS A 278 47.73 -29.93 -15.73
CA HIS A 278 47.96 -28.74 -16.54
C HIS A 278 48.69 -27.59 -15.83
N PHE A 279 49.20 -27.84 -14.63
CA PHE A 279 49.96 -26.82 -13.89
C PHE A 279 51.40 -26.60 -14.41
N ASN A 280 51.72 -27.14 -15.60
CA ASN A 280 53.09 -27.12 -16.13
C ASN A 280 53.31 -26.44 -17.49
N ASP A 281 52.26 -26.40 -18.32
CA ASP A 281 52.34 -25.81 -19.66
C ASP A 281 52.53 -24.29 -19.61
N PRO A 282 53.21 -23.73 -20.64
CA PRO A 282 53.47 -22.29 -20.75
C PRO A 282 52.22 -21.40 -20.58
N ILE A 289 51.82 -26.50 -8.80
CA ILE A 289 52.29 -25.52 -7.83
C ILE A 289 52.46 -24.13 -8.48
N ARG A 290 52.68 -24.13 -9.79
CA ARG A 290 53.11 -22.94 -10.52
C ARG A 290 52.01 -22.38 -11.43
N GLY A 291 51.38 -23.25 -12.22
CA GLY A 291 50.30 -22.86 -13.11
C GLY A 291 48.94 -22.81 -12.42
N ALA A 292 48.91 -23.22 -11.16
CA ALA A 292 47.68 -23.23 -10.36
C ALA A 292 47.14 -21.82 -10.09
N ILE A 293 48.02 -20.83 -10.18
CA ILE A 293 47.64 -19.42 -10.04
C ILE A 293 46.82 -18.96 -11.25
N TYR A 294 46.94 -19.70 -12.37
CA TYR A 294 46.13 -19.41 -13.56
C TYR A 294 44.72 -20.00 -13.44
N TYR A 295 44.65 -21.26 -13.01
CA TYR A 295 43.37 -21.96 -12.87
C TYR A 295 42.64 -21.61 -11.57
N PHE A 296 43.36 -21.00 -10.63
CA PHE A 296 42.75 -20.50 -9.40
C PHE A 296 42.10 -19.15 -9.66
N LYS A 297 42.79 -18.28 -10.41
CA LYS A 297 42.25 -16.97 -10.75
C LYS A 297 41.15 -17.04 -11.81
N ILE A 298 40.98 -18.21 -12.44
CA ILE A 298 39.83 -18.42 -13.33
C ILE A 298 38.62 -18.96 -12.57
N ALA A 299 38.88 -19.77 -11.54
CA ALA A 299 37.82 -20.37 -10.73
C ALA A 299 37.16 -19.33 -9.82
N VAL A 300 37.96 -18.41 -9.31
CA VAL A 300 37.48 -17.37 -8.38
C VAL A 300 36.59 -16.33 -9.08
N ALA A 301 36.91 -16.01 -10.33
CA ALA A 301 36.12 -15.07 -11.13
C ALA A 301 34.69 -15.56 -11.35
N LEU A 302 34.55 -16.87 -11.64
CA LEU A 302 33.23 -17.50 -11.77
C LEU A 302 32.45 -17.39 -10.47
N ALA A 303 33.15 -17.54 -9.35
CA ALA A 303 32.54 -17.38 -8.04
C ALA A 303 31.98 -15.96 -7.85
N VAL A 304 32.73 -14.96 -8.28
CA VAL A 304 32.32 -13.55 -8.15
C VAL A 304 31.18 -13.18 -9.12
N ALA A 305 31.08 -13.89 -10.23
CA ALA A 305 30.07 -13.61 -11.25
C ALA A 305 28.79 -14.42 -11.08
N ALA A 306 28.95 -15.69 -10.73
CA ALA A 306 27.82 -16.63 -10.69
C ALA A 306 27.09 -16.66 -9.35
N ILE A 307 27.82 -16.50 -8.26
CA ILE A 307 27.20 -16.47 -6.94
C ILE A 307 26.69 -15.06 -6.63
N PRO A 308 25.37 -14.95 -6.39
CA PRO A 308 24.78 -13.68 -5.96
C PRO A 308 24.84 -13.54 -4.45
N GLU A 309 25.86 -12.85 -3.95
CA GLU A 309 25.98 -12.64 -2.52
C GLU A 309 25.45 -11.25 -2.20
N GLY A 310 24.50 -11.19 -1.27
CA GLY A 310 23.79 -9.94 -0.99
C GLY A 310 22.61 -9.76 -1.92
N LEU A 311 21.52 -9.19 -1.41
CA LEU A 311 20.26 -9.06 -2.14
C LEU A 311 20.43 -8.29 -3.44
N PRO A 312 20.12 -8.94 -4.58
CA PRO A 312 20.18 -8.24 -5.87
C PRO A 312 19.30 -6.97 -5.83
N ALA A 313 19.86 -5.86 -6.33
CA ALA A 313 19.27 -4.54 -6.19
C ALA A 313 17.95 -4.35 -6.94
N VAL A 314 17.84 -4.97 -8.12
CA VAL A 314 16.62 -4.91 -8.94
C VAL A 314 15.37 -5.39 -8.19
N ILE A 315 15.54 -6.39 -7.31
CA ILE A 315 14.48 -6.86 -6.42
C ILE A 315 13.86 -5.69 -5.65
N THR A 316 14.69 -5.03 -4.83
CA THR A 316 14.22 -3.89 -4.04
C THR A 316 13.71 -2.74 -4.89
N THR A 317 14.09 -2.71 -6.16
CA THR A 317 13.63 -1.67 -7.08
C THR A 317 12.17 -1.82 -7.51
N CYS A 318 11.72 -3.05 -7.79
CA CYS A 318 10.32 -3.24 -8.20
C CYS A 318 9.32 -3.28 -7.07
N LEU A 319 9.83 -3.51 -5.85
CA LEU A 319 9.07 -3.23 -4.63
C LEU A 319 8.91 -1.72 -4.47
N ALA A 320 10.00 -0.99 -4.72
CA ALA A 320 10.00 0.47 -4.60
C ALA A 320 9.14 1.11 -5.68
N LEU A 321 9.24 0.58 -6.89
CA LEU A 321 8.43 1.04 -8.02
C LEU A 321 6.97 0.68 -7.85
N GLY A 322 6.72 -0.44 -7.17
CA GLY A 322 5.37 -0.93 -6.95
C GLY A 322 4.58 -0.17 -5.91
N THR A 323 5.22 0.12 -4.78
CA THR A 323 4.52 0.84 -3.72
C THR A 323 4.39 2.33 -4.04
N ARG A 324 5.27 2.82 -4.90
CA ARG A 324 5.15 4.17 -5.48
C ARG A 324 3.92 4.20 -6.39
N ARG A 325 3.76 3.18 -7.21
CA ARG A 325 2.57 3.02 -8.07
C ARG A 325 1.29 2.99 -7.23
N MET A 326 1.32 2.17 -6.18
CA MET A 326 0.21 1.99 -5.23
C MET A 326 -0.22 3.29 -4.56
N ALA A 327 0.74 4.01 -4.00
CA ALA A 327 0.49 5.32 -3.42
C ALA A 327 -0.18 6.28 -4.42
N LYS A 328 0.20 6.18 -5.70
CA LYS A 328 -0.43 7.02 -6.72
C LYS A 328 -1.84 6.54 -7.05
N LYS A 329 -2.12 5.27 -6.73
CA LYS A 329 -3.46 4.71 -6.85
C LYS A 329 -4.19 4.73 -5.50
N ASN A 330 -3.63 5.46 -4.54
CA ASN A 330 -4.26 5.77 -3.24
C ASN A 330 -4.13 4.74 -2.14
N ALA A 331 -3.34 3.71 -2.37
CA ALA A 331 -3.09 2.72 -1.35
C ALA A 331 -1.75 3.04 -0.74
N ILE A 332 -1.78 3.50 0.50
CA ILE A 332 -0.56 3.88 1.20
C ILE A 332 -0.06 2.71 2.03
N VAL A 333 1.07 2.13 1.64
CA VAL A 333 1.63 0.99 2.37
C VAL A 333 2.40 1.49 3.58
N ARG A 334 2.04 0.98 4.76
CA ARG A 334 2.69 1.35 6.02
C ARG A 334 3.66 0.25 6.46
N SER A 335 3.27 -0.99 6.21
CA SER A 335 4.07 -2.16 6.54
C SER A 335 4.46 -2.87 5.24
N LEU A 336 5.74 -2.82 4.91
CA LEU A 336 6.24 -3.43 3.69
C LEU A 336 6.02 -4.95 3.61
N PRO A 337 6.20 -5.68 4.72
CA PRO A 337 5.84 -7.10 4.65
C PRO A 337 4.41 -7.37 4.16
N SER A 338 3.54 -6.37 4.20
CA SER A 338 2.17 -6.57 3.74
C SER A 338 2.04 -6.58 2.21
N VAL A 339 3.08 -6.11 1.52
CA VAL A 339 3.11 -6.23 0.06
C VAL A 339 3.23 -7.70 -0.34
N GLU A 340 3.94 -8.49 0.48
CA GLU A 340 4.00 -9.94 0.28
C GLU A 340 2.63 -10.57 0.56
N THR A 341 1.98 -10.16 1.64
CA THR A 341 0.71 -10.76 2.02
C THR A 341 -0.38 -10.39 1.03
N LEU A 342 -0.21 -9.23 0.38
CA LEU A 342 -1.25 -8.63 -0.44
C LEU A 342 -1.72 -9.52 -1.58
N GLY A 343 -0.82 -10.29 -2.16
CA GLY A 343 -1.17 -11.18 -3.25
C GLY A 343 -1.60 -12.55 -2.77
N CYS A 344 -1.71 -12.70 -1.45
CA CYS A 344 -2.22 -13.95 -0.88
C CYS A 344 -3.60 -13.78 -0.30
N THR A 345 -4.09 -12.54 -0.25
CA THR A 345 -5.38 -12.30 0.36
C THR A 345 -6.45 -13.09 -0.36
N SER A 346 -7.29 -13.77 0.42
CA SER A 346 -8.40 -14.53 -0.12
C SER A 346 -9.75 -13.97 0.33
N VAL A 347 -9.76 -13.18 1.39
CA VAL A 347 -10.99 -12.53 1.87
C VAL A 347 -10.83 -11.02 2.07
N ILE A 348 -11.80 -10.25 1.58
CA ILE A 348 -11.90 -8.83 1.93
C ILE A 348 -13.16 -8.54 2.72
N CYS A 349 -13.00 -8.03 3.94
CA CYS A 349 -14.14 -7.46 4.68
C CYS A 349 -14.18 -5.95 4.58
N SER A 350 -15.24 -5.44 3.96
CA SER A 350 -15.36 -4.00 3.83
C SER A 350 -16.62 -3.40 4.43
N ASP A 351 -16.44 -2.32 5.18
CA ASP A 351 -17.56 -1.46 5.59
C ASP A 351 -18.25 -0.87 4.37
N LYS A 352 -19.54 -0.61 4.46
CA LYS A 352 -20.26 -0.10 3.33
C LYS A 352 -20.11 1.43 3.13
N THR A 353 -20.54 2.23 4.11
CA THR A 353 -20.78 3.66 3.89
C THR A 353 -19.64 4.48 3.29
N GLY A 354 -18.51 4.62 3.97
CA GLY A 354 -17.48 5.43 3.31
C GLY A 354 -16.97 4.82 2.00
N THR A 355 -17.10 3.50 1.89
CA THR A 355 -16.19 2.68 1.11
C THR A 355 -16.81 2.03 -0.12
N LEU A 356 -17.93 1.34 0.06
CA LEU A 356 -18.67 0.76 -1.06
C LEU A 356 -19.58 1.80 -1.71
N THR A 357 -19.99 2.79 -0.93
CA THR A 357 -20.94 3.81 -1.36
C THR A 357 -20.23 5.14 -1.24
N THR A 358 -20.77 6.20 -1.85
CA THR A 358 -20.06 7.48 -1.88
C THR A 358 -20.16 8.24 -0.57
N ASN A 359 -21.19 7.95 0.21
CA ASN A 359 -21.52 8.69 1.44
C ASN A 359 -22.12 10.07 1.15
N GLN A 360 -22.51 10.32 -0.10
CA GLN A 360 -23.28 11.51 -0.48
C GLN A 360 -24.77 11.25 -0.22
N MET A 361 -25.26 11.60 0.98
CA MET A 361 -26.66 11.34 1.36
C MET A 361 -27.69 12.31 0.75
N SER A 362 -28.82 11.80 0.29
CA SER A 362 -29.96 12.65 -0.08
C SER A 362 -31.29 11.94 0.17
N VAL A 363 -32.22 12.65 0.80
CA VAL A 363 -33.53 12.12 1.07
C VAL A 363 -34.27 12.16 -0.24
N CYS A 364 -34.61 11.02 -0.82
CA CYS A 364 -35.39 11.08 -2.04
C CYS A 364 -36.82 10.64 -1.83
N LYS A 365 -37.12 10.06 -0.67
CA LYS A 365 -38.50 9.66 -0.39
C LYS A 365 -38.88 9.91 1.04
N MET A 366 -40.18 10.07 1.27
CA MET A 366 -40.70 10.31 2.60
C MET A 366 -42.20 10.10 2.59
N PHE A 367 -42.76 9.84 3.76
CA PHE A 367 -44.22 9.73 3.88
C PHE A 367 -44.74 10.10 5.25
N ILE A 368 -46.00 10.51 5.31
CA ILE A 368 -46.69 10.64 6.57
C ILE A 368 -48.00 9.88 6.51
N ILE A 369 -48.73 9.81 7.63
CA ILE A 369 -50.02 9.13 7.65
C ILE A 369 -51.09 10.00 7.03
N ASP A 370 -51.95 9.37 6.24
CA ASP A 370 -53.05 10.07 5.57
C ASP A 370 -54.40 9.81 6.22
N LYS A 371 -54.86 8.57 6.18
CA LYS A 371 -56.18 8.21 6.67
C LYS A 371 -56.10 6.93 7.49
N VAL A 372 -56.83 6.89 8.61
CA VAL A 372 -56.92 5.70 9.46
C VAL A 372 -58.37 5.35 9.77
N ASP A 373 -58.79 4.13 9.41
CA ASP A 373 -60.16 3.68 9.65
C ASP A 373 -60.21 2.18 10.00
N GLY A 374 -60.24 1.88 11.31
CA GLY A 374 -60.19 0.50 11.79
C GLY A 374 -58.92 -0.17 11.28
N ASP A 375 -59.08 -1.34 10.66
CA ASP A 375 -57.97 -2.04 9.99
C ASP A 375 -57.34 -1.27 8.82
N PHE A 376 -58.03 -0.24 8.32
CA PHE A 376 -57.60 0.47 7.11
C PHE A 376 -56.59 1.61 7.37
N CYS A 377 -55.46 1.58 6.69
CA CYS A 377 -54.46 2.64 6.81
C CYS A 377 -53.89 3.05 5.44
N SER A 378 -54.04 4.32 5.08
CA SER A 378 -53.40 4.83 3.86
C SER A 378 -52.33 5.90 4.14
N LEU A 379 -51.38 6.05 3.22
CA LEU A 379 -50.29 6.98 3.43
C LEU A 379 -50.21 8.06 2.38
N ASN A 380 -49.68 9.21 2.77
CA ASN A 380 -49.22 10.22 1.85
C ASN A 380 -47.73 10.03 1.61
N GLU A 381 -47.39 9.43 0.48
CA GLU A 381 -46.00 9.29 0.07
C GLU A 381 -45.59 10.47 -0.80
N PHE A 382 -44.31 10.82 -0.73
CA PHE A 382 -43.75 11.89 -1.51
C PHE A 382 -42.36 11.52 -1.97
N SER A 383 -41.94 12.07 -3.11
CA SER A 383 -40.54 11.94 -3.52
C SER A 383 -39.87 13.32 -3.70
N ILE A 384 -38.54 13.34 -3.58
CA ILE A 384 -37.80 14.62 -3.57
C ILE A 384 -36.66 14.60 -4.56
N THR A 385 -36.61 15.60 -5.44
CA THR A 385 -35.58 15.65 -6.44
C THR A 385 -34.36 16.37 -5.91
N GLY A 386 -33.25 16.20 -6.63
CA GLY A 386 -32.00 16.82 -6.28
C GLY A 386 -31.29 15.93 -5.31
N SER A 387 -30.08 15.51 -5.64
CA SER A 387 -29.38 14.59 -4.74
C SER A 387 -28.07 15.08 -4.10
N THR A 388 -27.61 16.29 -4.43
CA THR A 388 -26.47 16.90 -3.71
C THR A 388 -26.95 17.53 -2.38
N TYR A 389 -26.18 18.40 -1.77
CA TYR A 389 -26.67 18.99 -0.51
C TYR A 389 -27.36 20.33 -0.73
N ALA A 390 -27.37 20.79 -1.99
CA ALA A 390 -28.01 22.03 -2.37
C ALA A 390 -29.49 22.09 -1.97
N PRO A 391 -29.94 23.23 -1.43
CA PRO A 391 -31.36 23.43 -1.18
C PRO A 391 -32.15 23.63 -2.50
N GLU A 392 -31.95 22.75 -3.47
CA GLU A 392 -32.53 22.91 -4.81
C GLU A 392 -33.15 21.60 -5.34
N GLY A 393 -34.47 21.62 -5.43
CA GLY A 393 -35.25 20.51 -5.94
C GLY A 393 -36.70 20.66 -5.51
N GLU A 394 -37.56 19.80 -6.03
CA GLU A 394 -38.99 19.88 -5.73
C GLU A 394 -39.46 18.69 -4.89
N VAL A 395 -40.55 18.91 -4.15
CA VAL A 395 -41.29 17.84 -3.48
C VAL A 395 -42.45 17.38 -4.37
N LEU A 396 -42.43 16.13 -4.81
CA LEU A 396 -43.46 15.59 -5.71
C LEU A 396 -44.39 14.61 -5.03
N LYS A 397 -45.66 14.63 -5.44
CA LYS A 397 -46.61 13.57 -5.07
C LYS A 397 -47.33 13.10 -6.34
N ASN A 398 -47.38 11.78 -6.52
CA ASN A 398 -47.85 11.18 -7.76
C ASN A 398 -47.19 11.84 -9.00
N ASP A 399 -45.90 12.10 -8.87
CA ASP A 399 -45.08 12.82 -9.89
C ASP A 399 -45.46 14.29 -10.14
N LYS A 400 -46.37 14.85 -9.34
CA LYS A 400 -46.73 16.26 -9.53
C LYS A 400 -46.15 17.16 -8.43
N PRO A 401 -45.48 18.27 -8.83
CA PRO A 401 -44.91 19.24 -7.87
C PRO A 401 -45.95 19.74 -6.89
N ILE A 402 -45.58 19.79 -5.62
CA ILE A 402 -46.52 20.06 -4.55
C ILE A 402 -45.84 20.90 -3.48
N ARG A 403 -46.64 21.63 -2.72
CA ARG A 403 -46.16 22.60 -1.73
C ARG A 403 -46.35 21.99 -0.33
N SER A 404 -45.25 21.72 0.36
CA SER A 404 -45.27 20.84 1.56
C SER A 404 -46.16 21.33 2.68
N GLY A 405 -46.20 22.65 2.88
CA GLY A 405 -47.03 23.26 3.91
C GLY A 405 -48.53 22.94 3.87
N GLN A 406 -49.06 22.52 2.72
CA GLN A 406 -50.49 22.17 2.63
C GLN A 406 -50.78 20.90 3.44
N PHE A 407 -49.71 20.23 3.86
CA PHE A 407 -49.83 19.02 4.64
C PHE A 407 -49.26 19.26 6.02
N ASP A 408 -50.15 19.35 7.00
CA ASP A 408 -49.81 19.55 8.40
C ASP A 408 -48.81 18.51 8.98
N GLY A 409 -48.88 17.28 8.50
CA GLY A 409 -47.92 16.26 8.92
C GLY A 409 -46.51 16.53 8.44
N LEU A 410 -46.35 17.01 7.21
CA LEU A 410 -45.04 17.41 6.69
C LEU A 410 -44.44 18.61 7.46
N VAL A 411 -45.29 19.54 7.88
CA VAL A 411 -44.83 20.61 8.74
C VAL A 411 -44.16 20.01 9.98
N GLU A 412 -44.77 18.97 10.52
CA GLU A 412 -44.27 18.35 11.74
C GLU A 412 -43.04 17.50 11.46
N LEU A 413 -43.05 16.81 10.33
CA LEU A 413 -41.91 16.02 9.92
C LEU A 413 -40.68 16.91 9.76
N ALA A 414 -40.85 18.06 9.11
CA ALA A 414 -39.76 19.02 8.92
C ALA A 414 -39.25 19.57 10.26
N THR A 415 -40.17 19.85 11.19
CA THR A 415 -39.80 20.31 12.52
C THR A 415 -38.86 19.31 13.18
N ILE A 416 -39.16 18.02 13.04
CA ILE A 416 -38.32 16.98 13.61
C ILE A 416 -36.93 16.97 12.94
N CYS A 417 -36.88 16.92 11.61
CA CYS A 417 -35.60 16.89 10.89
C CYS A 417 -34.71 18.08 11.20
N ALA A 418 -35.31 19.23 11.40
CA ALA A 418 -34.56 20.44 11.71
C ALA A 418 -34.05 20.43 13.16
N LEU A 419 -34.78 19.78 14.06
CA LEU A 419 -34.41 19.82 15.46
C LEU A 419 -33.55 18.65 15.91
N CYS A 420 -33.73 17.50 15.26
CA CYS A 420 -32.92 16.32 15.51
C CYS A 420 -31.68 16.33 14.64
N ASN A 421 -30.78 17.26 14.93
CA ASN A 421 -29.76 17.58 13.95
C ASN A 421 -28.65 18.45 14.52
N ASP A 422 -27.41 17.98 14.43
CA ASP A 422 -26.26 18.82 14.83
C ASP A 422 -25.47 19.34 13.61
N SER A 423 -26.14 19.37 12.45
CA SER A 423 -25.47 19.77 11.22
C SER A 423 -26.11 21.00 10.59
N SER A 424 -25.39 21.59 9.66
CA SER A 424 -25.88 22.69 8.87
C SER A 424 -25.27 22.61 7.47
N LEU A 425 -25.73 23.50 6.58
CA LEU A 425 -25.13 23.62 5.26
C LEU A 425 -24.24 24.84 5.25
N ASP A 426 -23.29 24.85 4.32
CA ASP A 426 -22.44 26.02 4.13
C ASP A 426 -22.13 26.25 2.67
N PHE A 427 -22.45 27.42 2.16
CA PHE A 427 -22.07 27.75 0.79
C PHE A 427 -20.58 28.12 0.73
N ASN A 428 -19.87 27.39 -0.13
CA ASN A 428 -18.44 27.58 -0.38
C ASN A 428 -18.29 28.46 -1.63
N GLU A 429 -17.96 29.73 -1.42
CA GLU A 429 -18.01 30.71 -2.50
C GLU A 429 -17.00 30.51 -3.64
N THR A 430 -15.81 30.01 -3.33
CA THR A 430 -14.82 29.71 -4.38
C THR A 430 -15.22 28.49 -5.20
N LYS A 431 -15.48 27.38 -4.53
CA LYS A 431 -15.91 26.14 -5.20
C LYS A 431 -17.29 26.24 -5.86
N GLY A 432 -18.09 27.22 -5.45
CA GLY A 432 -19.45 27.41 -5.97
C GLY A 432 -20.41 26.28 -5.62
N VAL A 433 -20.26 25.72 -4.43
CA VAL A 433 -20.98 24.50 -4.07
C VAL A 433 -21.45 24.57 -2.62
N TYR A 434 -22.63 23.98 -2.39
CA TYR A 434 -23.16 23.82 -1.04
C TYR A 434 -22.48 22.62 -0.41
N GLU A 435 -21.77 22.87 0.68
CA GLU A 435 -21.07 21.81 1.39
C GLU A 435 -21.69 21.50 2.74
N LYS A 436 -21.32 20.33 3.25
CA LYS A 436 -21.83 19.76 4.48
C LYS A 436 -21.02 20.26 5.69
N VAL A 437 -21.68 20.51 6.82
CA VAL A 437 -20.91 20.82 8.02
C VAL A 437 -20.84 19.59 8.91
N GLY A 438 -21.92 19.16 9.53
CA GLY A 438 -21.84 17.95 10.37
C GLY A 438 -21.71 16.60 9.65
N GLU A 439 -22.56 15.64 10.04
CA GLU A 439 -22.58 14.30 9.43
C GLU A 439 -23.47 14.23 8.17
N ALA A 440 -23.00 13.52 7.15
CA ALA A 440 -23.77 13.30 5.92
C ALA A 440 -25.26 13.00 6.16
N THR A 441 -25.53 12.09 7.07
CA THR A 441 -26.91 11.70 7.34
C THR A 441 -27.75 12.88 7.81
N GLU A 442 -27.19 13.68 8.71
CA GLU A 442 -27.92 14.80 9.30
C GLU A 442 -28.10 15.92 8.31
N THR A 443 -27.07 16.17 7.51
CA THR A 443 -27.07 17.24 6.55
C THR A 443 -28.07 16.98 5.44
N ALA A 444 -28.35 15.70 5.20
CA ALA A 444 -29.32 15.31 4.20
C ALA A 444 -30.69 15.78 4.64
N LEU A 445 -30.90 15.78 5.95
CA LEU A 445 -32.11 16.29 6.55
C LEU A 445 -32.18 17.82 6.48
N THR A 446 -31.09 18.52 6.78
CA THR A 446 -31.04 19.96 6.57
C THR A 446 -31.46 20.33 5.12
N THR A 447 -30.78 19.73 4.15
CA THR A 447 -31.11 19.92 2.76
C THR A 447 -32.60 19.72 2.51
N LEU A 448 -33.15 18.58 2.94
CA LEU A 448 -34.59 18.33 2.82
C LEU A 448 -35.42 19.50 3.33
N VAL A 449 -35.17 19.92 4.56
CA VAL A 449 -35.96 20.97 5.21
C VAL A 449 -35.98 22.20 4.32
N GLU A 450 -34.81 22.60 3.80
CA GLU A 450 -34.70 23.76 2.92
C GLU A 450 -35.55 23.63 1.65
N LYS A 451 -35.67 22.42 1.13
CA LYS A 451 -36.53 22.18 -0.04
C LYS A 451 -38.02 22.22 0.31
N MET A 452 -38.40 21.83 1.52
CA MET A 452 -39.81 21.74 1.86
C MET A 452 -40.36 23.13 2.12
N ASN A 453 -39.53 23.98 2.74
CA ASN A 453 -39.91 25.34 3.11
C ASN A 453 -41.36 25.34 3.59
N VAL A 454 -41.64 24.60 4.67
CA VAL A 454 -43.02 24.35 5.12
C VAL A 454 -43.78 25.60 5.55
N PHE A 455 -43.10 26.67 5.95
CA PHE A 455 -43.84 27.89 6.31
C PHE A 455 -43.88 28.99 5.24
N ASN A 456 -43.52 28.64 4.00
CA ASN A 456 -43.54 29.58 2.87
C ASN A 456 -42.78 30.89 3.09
N THR A 457 -41.60 30.77 3.70
CA THR A 457 -40.68 31.87 3.91
C THR A 457 -40.13 32.33 2.57
N GLU A 458 -39.89 33.65 2.45
CA GLU A 458 -39.23 34.23 1.29
C GLU A 458 -37.80 33.77 1.21
N VAL A 459 -37.44 33.20 0.08
CA VAL A 459 -36.10 32.66 -0.11
C VAL A 459 -35.49 33.09 -1.45
N ARG A 460 -36.35 33.40 -2.41
CA ARG A 460 -35.94 33.69 -3.78
C ARG A 460 -34.92 34.83 -3.94
N ASN A 461 -35.01 35.86 -3.10
CA ASN A 461 -34.03 36.97 -3.11
C ASN A 461 -32.81 36.80 -2.21
N LEU A 462 -32.66 35.68 -1.52
CA LEU A 462 -31.52 35.50 -0.63
C LEU A 462 -30.24 35.13 -1.39
N SER A 463 -29.11 35.64 -0.92
CA SER A 463 -27.81 35.20 -1.41
C SER A 463 -27.71 33.71 -1.14
N LYS A 464 -26.85 33.01 -1.87
CA LYS A 464 -26.72 31.58 -1.67
C LYS A 464 -26.20 31.29 -0.26
N VAL A 465 -25.35 32.18 0.26
CA VAL A 465 -24.81 32.05 1.61
C VAL A 465 -25.96 32.00 2.62
N GLU A 466 -26.85 33.00 2.53
CA GLU A 466 -27.99 33.15 3.43
C GLU A 466 -29.06 32.08 3.25
N ARG A 467 -29.11 31.46 2.07
CA ARG A 467 -30.16 30.52 1.70
C ARG A 467 -29.94 29.18 2.38
N ALA A 468 -28.68 28.83 2.57
CA ALA A 468 -28.27 27.51 3.03
C ALA A 468 -29.04 26.99 4.24
N ASN A 469 -29.38 27.88 5.17
CA ASN A 469 -29.99 27.48 6.42
C ASN A 469 -31.21 28.33 6.76
N ALA A 470 -31.77 28.97 5.74
CA ALA A 470 -32.86 29.94 5.95
C ALA A 470 -34.08 29.26 6.55
N CYS A 471 -34.55 28.19 5.93
CA CYS A 471 -35.74 27.48 6.39
C CYS A 471 -35.50 26.72 7.68
N ASN A 472 -34.30 26.18 7.83
CA ASN A 472 -33.99 25.48 9.06
C ASN A 472 -34.11 26.42 10.27
N SER A 473 -33.67 27.66 10.11
CA SER A 473 -33.71 28.62 11.21
C SER A 473 -35.09 29.17 11.49
N VAL A 474 -35.94 29.26 10.47
CA VAL A 474 -37.34 29.65 10.71
C VAL A 474 -37.93 28.70 11.76
N ILE A 475 -37.78 27.40 11.54
CA ILE A 475 -38.17 26.37 12.53
C ILE A 475 -37.43 26.55 13.86
N ARG A 476 -36.13 26.78 13.79
CA ARG A 476 -35.28 26.86 14.97
C ARG A 476 -35.60 28.05 15.89
N GLN A 477 -36.48 28.94 15.44
CA GLN A 477 -36.86 30.14 16.19
C GLN A 477 -38.22 30.04 16.86
N LEU A 478 -38.90 28.93 16.61
CA LEU A 478 -40.18 28.64 17.25
C LEU A 478 -40.01 27.97 18.59
N MET A 479 -38.79 27.48 18.89
CA MET A 479 -38.53 26.82 20.16
C MET A 479 -37.08 26.94 20.64
N LYS A 480 -36.85 26.57 21.90
CA LYS A 480 -35.51 26.44 22.45
C LYS A 480 -35.13 24.96 22.55
N LYS A 481 -33.94 24.63 22.08
CA LYS A 481 -33.40 23.28 22.12
C LYS A 481 -32.68 23.12 23.46
N GLU A 482 -33.44 22.74 24.48
CA GLU A 482 -32.96 22.59 25.86
C GLU A 482 -31.75 21.66 25.99
N PHE A 483 -31.79 20.52 25.31
CA PHE A 483 -30.71 19.53 25.40
C PHE A 483 -30.98 18.33 24.48
N THR A 484 -29.95 17.52 24.26
CA THR A 484 -30.01 16.39 23.34
C THR A 484 -29.75 15.07 24.06
N LEU A 485 -30.62 14.09 23.86
CA LEU A 485 -30.32 12.71 24.24
C LEU A 485 -29.56 12.05 23.10
N GLU A 486 -28.23 12.09 23.18
CA GLU A 486 -27.36 11.57 22.13
C GLU A 486 -27.64 10.11 21.77
N PHE A 487 -27.30 9.74 20.52
CA PHE A 487 -27.45 8.38 20.00
C PHE A 487 -26.73 7.33 20.85
N SER A 488 -27.28 6.11 20.86
CA SER A 488 -26.65 4.96 21.52
C SER A 488 -27.07 3.66 20.83
N ARG A 489 -26.17 2.67 20.81
CA ARG A 489 -26.34 1.48 19.96
C ARG A 489 -27.47 0.55 20.40
N ASP A 490 -27.86 0.62 21.67
CA ASP A 490 -28.91 -0.27 22.15
C ASP A 490 -30.29 0.12 21.63
N ARG A 491 -30.55 1.44 21.56
CA ARG A 491 -31.84 1.94 21.08
C ARG A 491 -31.87 2.33 19.60
N LYS A 492 -30.70 2.62 19.02
CA LYS A 492 -30.63 3.08 17.62
C LYS A 492 -31.60 4.25 17.31
N SER A 493 -31.51 5.29 18.12
CA SER A 493 -32.35 6.46 18.00
C SER A 493 -31.74 7.55 18.86
N MET A 494 -31.99 8.80 18.47
CA MET A 494 -31.65 9.95 19.29
C MET A 494 -32.89 10.82 19.46
N SER A 495 -32.80 11.83 20.32
CA SER A 495 -33.88 12.76 20.52
C SER A 495 -33.38 14.09 21.09
N VAL A 496 -34.17 15.13 20.89
CA VAL A 496 -33.91 16.41 21.52
C VAL A 496 -35.13 16.84 22.33
N TYR A 497 -34.92 17.68 23.33
CA TYR A 497 -36.00 18.16 24.18
C TYR A 497 -36.16 19.66 24.03
N CYS A 498 -37.37 20.09 23.66
CA CYS A 498 -37.63 21.50 23.36
C CYS A 498 -38.81 22.05 24.13
N SER A 499 -38.70 23.34 24.45
CA SER A 499 -39.80 24.15 24.96
C SER A 499 -40.15 25.18 23.88
N PRO A 500 -41.42 25.65 23.82
CA PRO A 500 -41.77 26.71 22.88
C PRO A 500 -41.11 28.04 23.22
N ALA A 501 -40.56 28.71 22.21
CA ALA A 501 -39.78 29.93 22.39
C ALA A 501 -40.68 31.14 22.60
N LYS A 502 -40.24 32.07 23.46
CA LYS A 502 -40.93 33.35 23.70
C LYS A 502 -42.42 33.22 24.03
N SER A 503 -42.94 31.98 23.97
CA SER A 503 -44.36 31.65 24.14
C SER A 503 -45.19 32.05 22.90
N SER A 504 -45.86 31.07 22.32
CA SER A 504 -46.80 31.29 21.20
C SER A 504 -48.10 31.93 21.70
N ARG A 505 -49.20 31.64 21.00
CA ARG A 505 -50.53 32.14 21.40
C ARG A 505 -51.09 31.25 22.54
N ALA A 506 -51.47 30.02 22.19
CA ALA A 506 -51.92 29.03 23.18
C ALA A 506 -50.73 28.20 23.64
N ALA A 507 -50.30 28.46 24.89
CA ALA A 507 -49.06 27.89 25.45
C ALA A 507 -49.05 26.36 25.45
N VAL A 508 -48.69 25.77 24.30
CA VAL A 508 -48.59 24.32 24.18
C VAL A 508 -47.34 23.80 24.89
N GLY A 509 -47.48 22.65 25.55
CA GLY A 509 -46.42 22.11 26.39
C GLY A 509 -45.13 21.75 25.68
N ASN A 510 -44.10 21.48 26.49
CA ASN A 510 -42.80 21.05 25.99
C ASN A 510 -42.92 19.77 25.20
N LYS A 511 -41.95 19.53 24.32
CA LYS A 511 -42.02 18.41 23.39
C LYS A 511 -40.68 17.72 23.33
N MET A 512 -40.70 16.49 22.82
CA MET A 512 -39.49 15.78 22.46
C MET A 512 -39.61 15.35 21.01
N PHE A 513 -38.52 15.44 20.26
CA PHE A 513 -38.50 14.94 18.89
C PHE A 513 -37.48 13.84 18.78
N VAL A 514 -37.91 12.75 18.14
CA VAL A 514 -37.15 11.51 18.12
C VAL A 514 -36.93 11.08 16.69
N LYS A 515 -35.70 10.77 16.33
CA LYS A 515 -35.40 10.11 15.08
C LYS A 515 -34.49 8.90 15.30
N GLY A 516 -34.69 7.86 14.52
CA GLY A 516 -33.92 6.63 14.67
C GLY A 516 -34.39 5.52 13.75
N ALA A 517 -33.85 4.32 13.95
CA ALA A 517 -34.19 3.17 13.12
C ALA A 517 -35.65 2.79 13.30
N PRO A 518 -36.35 2.51 12.19
CA PRO A 518 -37.80 2.31 12.20
C PRO A 518 -38.31 1.28 13.21
N GLU A 519 -37.78 0.06 13.13
CA GLU A 519 -38.18 -1.07 14.01
C GLU A 519 -38.25 -0.68 15.49
N GLY A 520 -37.17 -0.09 16.01
CA GLY A 520 -37.11 0.31 17.42
C GLY A 520 -38.00 1.46 17.86
N VAL A 521 -38.12 2.50 17.03
CA VAL A 521 -38.92 3.68 17.43
C VAL A 521 -40.43 3.43 17.31
N ILE A 522 -40.83 2.73 16.25
CA ILE A 522 -42.23 2.36 16.04
C ILE A 522 -42.80 1.50 17.17
N ASP A 523 -41.98 0.61 17.73
CA ASP A 523 -42.41 -0.18 18.90
C ASP A 523 -42.72 0.72 20.10
N ARG A 524 -42.00 1.83 20.20
CA ARG A 524 -42.21 2.76 21.31
C ARG A 524 -43.26 3.83 21.03
N CYS A 525 -44.10 3.63 20.01
CA CYS A 525 -45.17 4.57 19.69
C CYS A 525 -46.54 4.03 20.14
N ASN A 526 -47.27 4.84 20.91
CA ASN A 526 -48.64 4.52 21.30
C ASN A 526 -49.69 5.27 20.49
N TYR A 527 -49.23 6.24 19.71
CA TYR A 527 -50.11 7.09 18.92
C TYR A 527 -49.55 7.25 17.53
N VAL A 528 -50.41 7.69 16.61
CA VAL A 528 -49.94 8.17 15.32
C VAL A 528 -50.57 9.53 15.06
N ARG A 529 -49.80 10.41 14.44
CA ARG A 529 -50.31 11.69 14.01
C ARG A 529 -51.01 11.51 12.67
N VAL A 530 -52.18 12.12 12.55
CA VAL A 530 -52.91 12.26 11.29
C VAL A 530 -53.25 13.74 11.12
N GLY A 531 -52.53 14.42 10.23
CA GLY A 531 -52.63 15.87 10.10
C GLY A 531 -52.13 16.55 11.36
N THR A 532 -53.04 17.17 12.12
CA THR A 532 -52.70 17.72 13.43
C THR A 532 -53.40 16.94 14.54
N THR A 533 -54.20 15.96 14.14
CA THR A 533 -54.95 15.15 15.08
C THR A 533 -54.11 13.94 15.50
N ARG A 534 -54.55 13.24 16.55
CA ARG A 534 -53.84 12.07 17.06
C ARG A 534 -54.78 10.87 17.18
N VAL A 535 -54.23 9.67 17.03
CA VAL A 535 -55.00 8.43 16.93
C VAL A 535 -54.16 7.27 17.48
N PRO A 536 -54.79 6.34 18.21
CA PRO A 536 -54.05 5.20 18.78
C PRO A 536 -53.30 4.34 17.76
N MET A 537 -52.04 4.04 18.06
CA MET A 537 -51.25 3.08 17.28
C MET A 537 -51.82 1.67 17.41
N THR A 538 -52.07 1.03 16.27
CA THR A 538 -52.67 -0.31 16.22
C THR A 538 -51.75 -1.24 15.45
N GLY A 539 -52.12 -2.52 15.39
CA GLY A 539 -51.37 -3.50 14.59
C GLY A 539 -51.44 -3.23 13.09
N PRO A 540 -52.65 -2.94 12.57
CA PRO A 540 -52.85 -2.64 11.15
C PRO A 540 -52.03 -1.44 10.64
N VAL A 541 -51.96 -0.39 11.44
CA VAL A 541 -51.21 0.82 11.09
C VAL A 541 -49.71 0.50 11.05
N LYS A 542 -49.26 -0.20 12.10
CA LYS A 542 -47.88 -0.64 12.22
C LYS A 542 -47.44 -1.47 11.00
N GLU A 543 -48.27 -2.42 10.60
CA GLU A 543 -47.99 -3.25 9.44
C GLU A 543 -47.88 -2.43 8.15
N LYS A 544 -48.76 -1.44 7.98
CA LYS A 544 -48.69 -0.57 6.80
C LYS A 544 -47.44 0.32 6.79
N ILE A 545 -47.06 0.83 7.95
CA ILE A 545 -45.83 1.60 8.11
C ILE A 545 -44.64 0.72 7.73
N LEU A 546 -44.64 -0.51 8.25
CA LEU A 546 -43.50 -1.39 8.07
C LEU A 546 -43.34 -1.91 6.65
N SER A 547 -44.45 -2.10 5.94
CA SER A 547 -44.40 -2.63 4.57
C SER A 547 -43.75 -1.67 3.58
N VAL A 548 -44.03 -0.38 3.71
CA VAL A 548 -43.37 0.60 2.85
C VAL A 548 -41.87 0.76 3.22
N ILE A 549 -41.54 0.75 4.52
CA ILE A 549 -40.13 0.73 4.94
C ILE A 549 -39.37 -0.38 4.21
N LYS A 550 -40.03 -1.53 4.07
CA LYS A 550 -39.43 -2.71 3.49
C LYS A 550 -39.29 -2.55 1.99
N GLU A 551 -40.31 -1.99 1.35
CA GLU A 551 -40.32 -1.85 -0.09
C GLU A 551 -39.18 -0.94 -0.54
N TRP A 552 -39.02 0.17 0.17
CA TRP A 552 -37.96 1.14 -0.09
C TRP A 552 -36.58 0.63 0.31
N GLY A 553 -36.55 -0.30 1.25
CA GLY A 553 -35.29 -0.92 1.68
C GLY A 553 -34.82 -1.92 0.64
N THR A 554 -35.80 -2.56 0.01
CA THR A 554 -35.58 -3.67 -0.90
C THR A 554 -35.66 -3.30 -2.39
N GLY A 555 -36.21 -2.13 -2.72
CA GLY A 555 -36.36 -1.71 -4.10
C GLY A 555 -35.07 -1.34 -4.80
N ARG A 556 -35.20 -0.78 -6.00
CA ARG A 556 -34.02 -0.38 -6.80
C ARG A 556 -33.01 0.55 -6.10
N ASP A 557 -33.48 1.39 -5.19
CA ASP A 557 -32.61 2.43 -4.60
C ASP A 557 -32.12 2.10 -3.20
N THR A 558 -32.56 0.95 -2.69
CA THR A 558 -32.11 0.40 -1.42
C THR A 558 -31.91 1.48 -0.36
N LEU A 559 -32.99 2.19 -0.07
CA LEU A 559 -32.99 3.36 0.82
C LEU A 559 -32.87 3.01 2.29
N ARG A 560 -32.17 3.87 3.02
CA ARG A 560 -32.08 3.74 4.47
C ARG A 560 -33.17 4.61 5.07
N CYS A 561 -34.03 3.98 5.88
CA CYS A 561 -35.20 4.67 6.36
C CYS A 561 -34.97 5.10 7.79
N LEU A 562 -35.39 6.31 8.14
CA LEU A 562 -35.46 6.75 9.52
C LEU A 562 -36.91 7.02 9.89
N ALA A 563 -37.29 6.58 11.07
CA ALA A 563 -38.60 6.94 11.60
C ALA A 563 -38.51 8.15 12.51
N LEU A 564 -39.52 9.00 12.40
CA LEU A 564 -39.54 10.24 13.14
C LEU A 564 -40.77 10.29 14.02
N ALA A 565 -40.57 10.62 15.29
CA ALA A 565 -41.66 10.64 16.23
C ALA A 565 -41.54 11.83 17.18
N THR A 566 -42.65 12.18 17.81
CA THR A 566 -42.63 13.16 18.88
C THR A 566 -43.20 12.51 20.14
N ARG A 567 -42.57 12.78 21.28
CA ARG A 567 -43.22 12.43 22.53
C ARG A 567 -44.07 13.63 22.92
N ASP A 568 -45.38 13.46 22.81
CA ASP A 568 -46.32 14.54 23.03
C ASP A 568 -46.32 15.05 24.45
N THR A 569 -46.33 14.15 25.43
CA THR A 569 -46.18 14.56 26.83
C THR A 569 -44.92 13.97 27.42
N PRO A 570 -43.81 14.72 27.34
CA PRO A 570 -42.53 14.27 27.84
C PRO A 570 -42.47 14.43 29.37
N PRO A 571 -41.59 13.66 30.03
CA PRO A 571 -41.37 13.83 31.46
C PRO A 571 -40.93 15.25 31.80
N LYS A 572 -41.05 15.62 33.07
CA LYS A 572 -40.53 16.89 33.56
C LYS A 572 -39.00 16.83 33.52
N ARG A 573 -38.35 17.99 33.57
CA ARG A 573 -36.89 18.08 33.43
C ARG A 573 -36.12 17.36 34.54
N GLU A 574 -36.42 17.66 35.80
CA GLU A 574 -35.75 16.99 36.93
C GLU A 574 -36.32 15.59 37.19
N GLU A 575 -36.62 14.87 36.11
CA GLU A 575 -36.91 13.45 36.18
C GLU A 575 -35.84 12.75 35.35
N MET A 576 -35.11 13.56 34.57
CA MET A 576 -34.21 13.08 33.54
C MET A 576 -32.73 13.33 33.86
N VAL A 577 -32.00 12.23 34.01
CA VAL A 577 -30.55 12.28 34.19
C VAL A 577 -29.85 12.19 32.83
N LEU A 578 -28.84 13.04 32.61
CA LEU A 578 -28.27 13.22 31.27
C LEU A 578 -26.90 12.60 31.02
N ASP A 579 -26.16 12.31 32.10
CA ASP A 579 -24.85 11.68 31.97
C ASP A 579 -24.94 10.16 31.90
N ASP A 580 -26.16 9.63 31.90
CA ASP A 580 -26.41 8.18 31.88
C ASP A 580 -27.17 7.74 30.64
N SER A 581 -26.43 7.37 29.61
CA SER A 581 -26.99 6.99 28.30
C SER A 581 -28.04 5.85 28.31
N SER A 582 -28.08 5.05 29.38
CA SER A 582 -28.93 3.86 29.39
C SER A 582 -30.38 4.13 29.83
N ARG A 583 -30.62 5.31 30.39
CA ARG A 583 -31.98 5.71 30.75
C ARG A 583 -32.71 6.38 29.58
N PHE A 584 -31.97 6.62 28.50
CA PHE A 584 -32.45 7.38 27.35
C PHE A 584 -33.62 6.73 26.60
N MET A 585 -33.58 5.41 26.44
CA MET A 585 -34.69 4.72 25.76
C MET A 585 -36.02 4.93 26.47
N GLU A 586 -36.03 4.80 27.80
CA GLU A 586 -37.25 4.97 28.59
C GLU A 586 -37.95 6.31 28.39
N TYR A 587 -37.15 7.38 28.28
CA TYR A 587 -37.65 8.72 28.07
C TYR A 587 -38.28 8.85 26.69
N GLU A 588 -37.86 7.98 25.77
CA GLU A 588 -38.35 7.97 24.41
C GLU A 588 -39.38 6.87 24.20
N THR A 589 -40.39 6.86 25.07
CA THR A 589 -41.51 5.92 24.98
C THR A 589 -42.77 6.73 25.10
N ASP A 590 -43.89 6.15 24.69
CA ASP A 590 -45.18 6.85 24.70
C ASP A 590 -45.21 7.87 23.55
N LEU A 591 -44.63 7.47 22.42
CA LEU A 591 -44.39 8.38 21.30
C LEU A 591 -45.58 8.51 20.37
N THR A 592 -45.50 9.51 19.49
CA THR A 592 -46.48 9.67 18.45
C THR A 592 -45.71 9.53 17.16
N PHE A 593 -46.01 8.50 16.38
CA PHE A 593 -45.40 8.34 15.06
C PHE A 593 -45.86 9.50 14.17
N VAL A 594 -44.90 10.09 13.46
CA VAL A 594 -45.16 11.18 12.54
C VAL A 594 -44.97 10.73 11.10
N GLY A 595 -43.77 10.23 10.78
CA GLY A 595 -43.43 9.90 9.41
C GLY A 595 -42.07 9.25 9.22
N VAL A 596 -41.69 9.08 7.96
CA VAL A 596 -40.46 8.37 7.61
C VAL A 596 -39.73 9.07 6.47
N VAL A 597 -38.41 9.12 6.56
CA VAL A 597 -37.61 9.62 5.44
C VAL A 597 -36.75 8.49 4.92
N GLY A 598 -36.58 8.43 3.59
CA GLY A 598 -35.78 7.40 2.94
C GLY A 598 -34.56 7.98 2.25
N MET A 599 -33.38 7.59 2.71
CA MET A 599 -32.10 8.15 2.23
C MET A 599 -31.44 7.35 1.13
N LEU A 600 -30.89 8.08 0.17
CA LEU A 600 -30.11 7.51 -0.91
C LEU A 600 -28.66 7.67 -0.56
N ASP A 601 -27.88 6.67 -0.97
CA ASP A 601 -26.45 6.67 -0.77
C ASP A 601 -25.94 5.68 -1.79
N PRO A 602 -25.72 6.16 -3.03
CA PRO A 602 -25.45 5.24 -4.13
C PRO A 602 -24.13 4.50 -3.99
N PRO A 603 -24.06 3.27 -4.54
CA PRO A 603 -22.79 2.54 -4.69
C PRO A 603 -21.85 3.35 -5.55
N ARG A 604 -20.56 3.29 -5.28
CA ARG A 604 -19.56 3.95 -6.13
C ARG A 604 -19.56 3.30 -7.51
N LYS A 605 -19.26 4.10 -8.54
CA LYS A 605 -19.36 3.62 -9.93
C LYS A 605 -18.46 2.41 -10.26
N GLU A 606 -17.26 2.40 -9.70
CA GLU A 606 -16.23 1.40 -9.99
C GLU A 606 -16.42 0.07 -9.22
N VAL A 607 -17.41 0.01 -8.36
CA VAL A 607 -17.54 -1.10 -7.38
C VAL A 607 -18.05 -2.43 -7.96
N MET A 608 -19.07 -2.41 -8.81
CA MET A 608 -19.52 -3.64 -9.49
C MET A 608 -18.37 -4.38 -10.21
N GLY A 609 -17.57 -3.62 -10.96
CA GLY A 609 -16.40 -4.12 -11.68
C GLY A 609 -15.33 -4.62 -10.73
N SER A 610 -15.08 -3.87 -9.66
CA SER A 610 -14.15 -4.29 -8.62
C SER A 610 -14.53 -5.62 -7.98
N ILE A 611 -15.83 -5.86 -7.79
CA ILE A 611 -16.29 -7.08 -7.14
C ILE A 611 -16.13 -8.26 -8.10
N GLN A 612 -16.38 -8.00 -9.38
CA GLN A 612 -16.25 -9.04 -10.39
C GLN A 612 -14.78 -9.46 -10.56
N LEU A 613 -13.86 -8.50 -10.45
CA LEU A 613 -12.43 -8.81 -10.43
C LEU A 613 -12.07 -9.76 -9.30
N CYS A 614 -12.68 -9.53 -8.14
CA CYS A 614 -12.43 -10.37 -6.97
C CYS A 614 -12.94 -11.81 -7.18
N ARG A 615 -14.10 -11.95 -7.84
CA ARG A 615 -14.63 -13.26 -8.21
C ARG A 615 -13.64 -13.99 -9.08
N ASP A 616 -13.14 -13.26 -10.08
CA ASP A 616 -12.17 -13.76 -11.04
C ASP A 616 -10.85 -14.15 -10.40
N ALA A 617 -10.46 -13.45 -9.34
CA ALA A 617 -9.19 -13.71 -8.68
C ALA A 617 -9.36 -14.65 -7.47
N GLY A 618 -10.58 -15.16 -7.29
CA GLY A 618 -10.88 -16.07 -6.19
C GLY A 618 -10.76 -15.41 -4.83
N ILE A 619 -11.30 -14.20 -4.71
CA ILE A 619 -11.33 -13.49 -3.44
C ILE A 619 -12.78 -13.29 -3.02
N ARG A 620 -13.11 -13.73 -1.81
CA ARG A 620 -14.45 -13.53 -1.26
C ARG A 620 -14.59 -12.12 -0.69
N VAL A 621 -15.70 -11.47 -0.96
CA VAL A 621 -15.95 -10.14 -0.41
C VAL A 621 -17.07 -10.21 0.63
N ILE A 622 -16.82 -9.67 1.81
CA ILE A 622 -17.84 -9.63 2.84
C ILE A 622 -18.18 -8.18 3.18
N MET A 623 -19.46 -7.85 3.03
CA MET A 623 -19.92 -6.55 3.44
C MET A 623 -20.39 -6.49 4.89
N ILE A 624 -19.98 -5.44 5.57
CA ILE A 624 -20.48 -5.10 6.90
C ILE A 624 -21.19 -3.73 6.84
N THR A 625 -22.42 -3.67 7.36
CA THR A 625 -23.28 -2.48 7.23
C THR A 625 -24.11 -2.23 8.46
N GLY A 626 -24.45 -0.97 8.68
CA GLY A 626 -25.43 -0.59 9.69
C GLY A 626 -26.88 -0.73 9.23
N ASP A 627 -27.09 -0.87 7.93
CA ASP A 627 -28.41 -1.19 7.34
C ASP A 627 -29.09 -2.41 7.98
N ASN A 628 -30.41 -2.43 7.95
CA ASN A 628 -31.12 -3.60 8.43
C ASN A 628 -30.86 -4.80 7.50
N LYS A 629 -31.14 -6.00 7.98
CA LYS A 629 -30.76 -7.21 7.25
C LYS A 629 -31.29 -7.19 5.85
N GLY A 630 -32.59 -6.92 5.71
CA GLY A 630 -33.28 -6.96 4.43
C GLY A 630 -32.61 -6.06 3.42
N THR A 631 -32.36 -4.82 3.81
CA THR A 631 -31.67 -3.87 2.95
C THR A 631 -30.24 -4.32 2.61
N ALA A 632 -29.52 -4.80 3.62
CA ALA A 632 -28.16 -5.31 3.44
C ALA A 632 -28.08 -6.32 2.29
N ILE A 633 -28.99 -7.28 2.28
CA ILE A 633 -29.01 -8.25 1.20
C ILE A 633 -29.22 -7.57 -0.16
N ALA A 634 -30.23 -6.69 -0.23
CA ALA A 634 -30.56 -6.04 -1.49
C ALA A 634 -29.37 -5.26 -2.04
N ILE A 635 -28.65 -4.53 -1.18
CA ILE A 635 -27.44 -3.85 -1.64
C ILE A 635 -26.47 -4.85 -2.27
N CYS A 636 -26.32 -6.01 -1.62
CA CYS A 636 -25.45 -7.07 -2.09
C CYS A 636 -25.84 -7.63 -3.44
N ARG A 637 -27.13 -7.58 -3.77
CA ARG A 637 -27.57 -8.04 -5.10
C ARG A 637 -27.25 -6.95 -6.13
N ARG A 638 -27.41 -5.70 -5.75
CA ARG A 638 -27.11 -4.59 -6.66
C ARG A 638 -25.65 -4.52 -7.05
N ILE A 639 -24.74 -4.79 -6.10
CA ILE A 639 -23.31 -4.63 -6.35
C ILE A 639 -22.60 -5.92 -6.80
N GLY A 640 -23.34 -7.02 -6.84
CA GLY A 640 -22.83 -8.25 -7.42
C GLY A 640 -22.25 -9.22 -6.44
N ILE A 641 -22.28 -8.86 -5.16
CA ILE A 641 -21.84 -9.76 -4.09
C ILE A 641 -22.70 -11.03 -4.10
N PHE A 642 -24.02 -10.87 -4.21
CA PHE A 642 -24.93 -11.98 -4.45
C PHE A 642 -25.52 -11.85 -5.85
N GLY A 643 -25.96 -12.98 -6.40
CA GLY A 643 -26.79 -12.97 -7.60
C GLY A 643 -28.19 -12.49 -7.26
N GLU A 644 -28.83 -11.80 -8.20
CA GLU A 644 -30.19 -11.30 -8.03
C GLU A 644 -31.21 -12.40 -7.69
N ASN A 645 -30.85 -13.66 -7.90
CA ASN A 645 -31.71 -14.76 -7.50
C ASN A 645 -31.12 -15.73 -6.49
N GLU A 646 -29.80 -15.64 -6.30
CA GLU A 646 -29.11 -16.52 -5.37
C GLU A 646 -29.88 -16.70 -4.07
N GLU A 647 -29.87 -17.93 -3.55
CA GLU A 647 -30.28 -18.17 -2.17
C GLU A 647 -29.28 -17.53 -1.23
N VAL A 648 -29.76 -16.99 -0.13
CA VAL A 648 -28.94 -16.15 0.73
C VAL A 648 -29.11 -16.47 2.22
N ALA A 649 -30.19 -17.17 2.53
CA ALA A 649 -30.58 -17.50 3.91
C ALA A 649 -29.48 -18.06 4.84
N ASP A 650 -28.39 -18.56 4.27
CA ASP A 650 -27.29 -19.08 5.10
C ASP A 650 -26.01 -18.25 4.94
N ARG A 651 -26.06 -17.28 4.03
CA ARG A 651 -24.89 -16.48 3.68
C ARG A 651 -25.00 -15.03 4.19
N ALA A 652 -26.10 -14.71 4.84
CA ALA A 652 -26.38 -13.36 5.38
C ALA A 652 -26.81 -13.42 6.85
N TYR A 653 -26.17 -12.62 7.69
CA TYR A 653 -26.46 -12.62 9.13
C TYR A 653 -26.46 -11.24 9.76
N THR A 654 -27.30 -11.04 10.79
CA THR A 654 -27.22 -9.86 11.62
C THR A 654 -26.36 -10.22 12.82
N GLY A 655 -25.82 -9.21 13.50
CA GLY A 655 -25.05 -9.42 14.72
C GLY A 655 -25.84 -10.16 15.78
N ARG A 656 -27.15 -9.91 15.83
CA ARG A 656 -28.02 -10.57 16.77
C ARG A 656 -28.13 -12.07 16.45
N GLU A 657 -28.50 -12.39 15.21
CA GLU A 657 -28.54 -13.77 14.75
C GLU A 657 -27.18 -14.44 14.97
N PHE A 658 -26.11 -13.72 14.64
CA PHE A 658 -24.76 -14.22 14.87
C PHE A 658 -24.48 -14.52 16.34
N ASP A 659 -24.95 -13.67 17.25
CA ASP A 659 -24.74 -13.92 18.67
C ASP A 659 -25.51 -15.15 19.20
N ASP A 660 -26.64 -15.48 18.58
CA ASP A 660 -27.48 -16.62 19.01
C ASP A 660 -26.99 -17.99 18.54
N LEU A 661 -26.04 -17.99 17.60
CA LEU A 661 -25.47 -19.22 17.09
C LEU A 661 -24.45 -19.81 18.06
N PRO A 662 -24.39 -21.16 18.17
CA PRO A 662 -23.30 -21.78 18.91
C PRO A 662 -21.98 -21.44 18.24
N LEU A 663 -20.87 -21.64 18.95
CA LEU A 663 -19.55 -21.30 18.42
C LEU A 663 -19.20 -21.99 17.10
N ALA A 664 -19.40 -23.31 17.02
CA ALA A 664 -19.09 -24.08 15.81
C ALA A 664 -19.93 -23.62 14.63
N GLU A 665 -21.19 -23.30 14.90
CA GLU A 665 -22.05 -22.77 13.86
C GLU A 665 -21.62 -21.37 13.42
N GLN A 666 -21.15 -20.53 14.36
CA GLN A 666 -20.67 -19.17 14.07
C GLN A 666 -19.52 -19.27 13.12
N ARG A 667 -18.65 -20.23 13.43
CA ARG A 667 -17.48 -20.52 12.63
C ARG A 667 -17.89 -20.92 11.22
N GLU A 668 -18.82 -21.87 11.12
CA GLU A 668 -19.31 -22.33 9.82
C GLU A 668 -19.97 -21.21 9.02
N ALA A 669 -20.55 -20.24 9.73
CA ALA A 669 -21.18 -19.08 9.12
C ALA A 669 -20.16 -18.17 8.46
N CYS A 670 -18.99 -18.04 9.07
CA CYS A 670 -17.92 -17.23 8.51
C CYS A 670 -17.25 -17.92 7.35
N ARG A 671 -17.44 -19.24 7.23
CA ARG A 671 -16.85 -19.98 6.13
C ARG A 671 -17.50 -19.58 4.82
N ARG A 672 -18.77 -19.15 4.90
CA ARG A 672 -19.62 -18.96 3.72
C ARG A 672 -20.32 -17.58 3.58
N ALA A 673 -20.32 -16.79 4.65
CA ALA A 673 -21.11 -15.54 4.71
C ALA A 673 -20.50 -14.41 3.93
N CYS A 674 -21.34 -13.68 3.21
CA CYS A 674 -20.87 -12.53 2.44
C CYS A 674 -21.43 -11.22 2.94
N CYS A 675 -22.31 -11.29 3.94
CA CYS A 675 -23.06 -10.12 4.38
C CYS A 675 -23.38 -10.17 5.87
N PHE A 676 -22.81 -9.24 6.60
CA PHE A 676 -23.12 -9.05 8.01
C PHE A 676 -23.74 -7.67 8.20
N ALA A 677 -24.89 -7.63 8.85
CA ALA A 677 -25.60 -6.38 9.11
C ALA A 677 -25.68 -6.17 10.60
N ARG A 678 -25.53 -4.92 11.03
CA ARG A 678 -25.82 -4.50 12.40
C ARG A 678 -25.06 -5.32 13.43
N VAL A 679 -23.75 -5.16 13.42
CA VAL A 679 -22.87 -5.95 14.25
C VAL A 679 -22.38 -5.16 15.46
N GLU A 680 -22.29 -5.84 16.59
CA GLU A 680 -21.66 -5.31 17.79
C GLU A 680 -20.21 -4.94 17.48
N PRO A 681 -19.56 -4.12 18.32
CA PRO A 681 -18.20 -3.69 17.95
C PRO A 681 -17.16 -4.85 18.01
N SER A 682 -17.45 -5.87 18.82
CA SER A 682 -16.57 -7.03 18.97
C SER A 682 -16.67 -8.11 17.86
N HIS A 683 -17.60 -7.95 16.93
CA HIS A 683 -17.81 -8.95 15.88
C HIS A 683 -16.69 -9.08 14.85
N LYS A 684 -16.11 -7.97 14.42
CA LYS A 684 -15.03 -7.96 13.42
C LYS A 684 -13.87 -8.86 13.82
N SER A 685 -13.34 -8.64 15.02
CA SER A 685 -12.36 -9.55 15.61
C SER A 685 -12.73 -11.04 15.46
N LYS A 686 -13.95 -11.39 15.87
CA LYS A 686 -14.40 -12.77 15.82
C LYS A 686 -14.37 -13.29 14.40
N ILE A 687 -14.90 -12.50 13.48
CA ILE A 687 -14.91 -12.88 12.10
C ILE A 687 -13.47 -13.15 11.65
N VAL A 688 -12.52 -12.28 12.04
CA VAL A 688 -11.11 -12.52 11.72
C VAL A 688 -10.62 -13.88 12.22
N GLU A 689 -10.90 -14.18 13.49
CA GLU A 689 -10.49 -15.44 14.11
C GLU A 689 -11.03 -16.65 13.40
N TYR A 690 -12.33 -16.63 13.11
CA TYR A 690 -12.98 -17.73 12.46
C TYR A 690 -12.47 -17.90 11.03
N LEU A 691 -12.17 -16.79 10.35
CA LEU A 691 -11.62 -16.88 9.02
C LEU A 691 -10.22 -17.48 9.07
N GLN A 692 -9.44 -17.12 10.09
CA GLN A 692 -8.12 -17.71 10.28
C GLN A 692 -8.16 -19.21 10.55
N SER A 693 -9.28 -19.69 11.09
CA SER A 693 -9.38 -21.11 11.42
C SER A 693 -9.63 -21.96 10.15
N TYR A 694 -9.62 -21.30 9.00
CA TYR A 694 -9.71 -21.97 7.71
C TYR A 694 -8.55 -21.52 6.83
N ASP A 695 -7.53 -20.96 7.48
CA ASP A 695 -6.32 -20.50 6.80
C ASP A 695 -6.64 -19.50 5.67
N GLU A 696 -7.66 -18.68 5.91
CA GLU A 696 -7.96 -17.54 5.05
C GLU A 696 -6.94 -16.42 5.26
N ILE A 697 -6.56 -15.75 4.18
CA ILE A 697 -5.75 -14.53 4.30
C ILE A 697 -6.68 -13.34 4.13
N THR A 698 -7.05 -12.72 5.24
CA THR A 698 -8.13 -11.72 5.22
C THR A 698 -7.64 -10.29 5.33
N ALA A 699 -8.26 -9.45 4.51
CA ALA A 699 -8.08 -7.99 4.58
C ALA A 699 -9.32 -7.39 5.24
N MET A 700 -9.13 -6.52 6.21
CA MET A 700 -10.25 -5.95 6.96
C MET A 700 -10.11 -4.44 7.09
N THR A 701 -11.15 -3.71 6.69
CA THR A 701 -11.19 -2.25 6.81
C THR A 701 -11.68 -1.82 8.19
N GLY A 702 -11.33 -0.61 8.59
CA GLY A 702 -11.76 -0.01 9.84
C GLY A 702 -11.37 1.46 9.92
N ASP A 703 -11.90 2.17 10.91
CA ASP A 703 -11.59 3.60 11.09
C ASP A 703 -11.67 4.11 12.53
N GLY A 704 -12.39 3.40 13.41
CA GLY A 704 -12.55 3.85 14.79
C GLY A 704 -11.57 3.24 15.76
N VAL A 705 -11.53 3.74 17.00
CA VAL A 705 -10.69 3.14 18.04
C VAL A 705 -11.10 1.70 18.36
N ASN A 706 -12.34 1.38 18.02
CA ASN A 706 -12.89 0.05 18.22
C ASN A 706 -12.51 -0.93 17.12
N ASP A 707 -12.23 -0.42 15.93
CA ASP A 707 -11.76 -1.23 14.81
C ASP A 707 -10.31 -1.70 14.98
N ALA A 708 -9.59 -1.11 15.94
CA ALA A 708 -8.15 -1.40 16.11
C ALA A 708 -7.80 -2.85 16.41
N PRO A 709 -8.44 -3.46 17.43
CA PRO A 709 -8.15 -4.88 17.65
C PRO A 709 -8.29 -5.78 16.41
N ALA A 710 -9.36 -5.62 15.62
CA ALA A 710 -9.54 -6.41 14.40
C ALA A 710 -8.46 -6.13 13.34
N LEU A 711 -8.18 -4.86 13.11
CA LEU A 711 -7.12 -4.46 12.19
C LEU A 711 -5.81 -5.12 12.58
N LYS A 712 -5.52 -5.20 13.89
CA LYS A 712 -4.34 -5.92 14.38
C LYS A 712 -4.35 -7.40 13.99
N LYS A 713 -5.45 -8.09 14.25
CA LYS A 713 -5.58 -9.51 13.93
C LYS A 713 -5.53 -9.80 12.44
N ALA A 714 -6.17 -8.97 11.62
CA ALA A 714 -6.23 -9.22 10.18
C ALA A 714 -4.83 -9.37 9.57
N GLU A 715 -4.71 -10.22 8.56
CA GLU A 715 -3.44 -10.32 7.82
C GLU A 715 -3.13 -8.95 7.21
N ILE A 716 -4.09 -8.34 6.51
CA ILE A 716 -3.99 -6.92 6.18
C ILE A 716 -5.09 -6.07 6.83
N GLY A 717 -4.70 -5.27 7.82
CA GLY A 717 -5.55 -4.22 8.35
C GLY A 717 -5.54 -3.04 7.39
N ILE A 718 -6.73 -2.59 7.00
CA ILE A 718 -6.89 -1.41 6.12
C ILE A 718 -7.63 -0.24 6.81
N ALA A 719 -6.95 0.87 7.02
CA ALA A 719 -7.52 2.04 7.69
C ALA A 719 -8.05 3.05 6.69
N MET A 720 -9.07 3.81 7.07
CA MET A 720 -9.59 4.85 6.18
C MET A 720 -8.71 6.07 6.29
N GLY A 721 -8.43 6.68 5.14
CA GLY A 721 -7.66 7.91 5.08
C GLY A 721 -8.31 9.00 5.90
N SER A 722 -9.64 9.11 5.80
CA SER A 722 -10.37 10.14 6.52
C SER A 722 -10.75 9.77 7.97
N GLY A 723 -10.36 8.58 8.42
CA GLY A 723 -10.56 8.15 9.81
C GLY A 723 -9.48 8.49 10.83
N THR A 724 -9.56 7.85 12.01
CA THR A 724 -8.65 8.10 13.15
C THR A 724 -7.21 7.62 12.96
N ALA A 725 -6.31 8.11 13.80
CA ALA A 725 -4.91 7.73 13.73
C ALA A 725 -4.68 6.35 14.33
N VAL A 726 -5.55 5.98 15.28
CA VAL A 726 -5.41 4.75 16.04
C VAL A 726 -5.67 3.59 15.11
N ALA A 727 -6.66 3.75 14.25
CA ALA A 727 -6.94 2.75 13.26
C ALA A 727 -5.79 2.66 12.26
N LYS A 728 -5.23 3.81 11.87
CA LYS A 728 -4.09 3.86 10.95
C LYS A 728 -2.85 3.19 11.53
N THR A 729 -2.62 3.41 12.81
CA THR A 729 -1.46 2.87 13.53
C THR A 729 -1.55 1.36 13.72
N ALA A 730 -2.77 0.82 13.63
CA ALA A 730 -2.99 -0.60 13.77
C ALA A 730 -3.07 -1.33 12.42
N SER A 731 -2.86 -0.57 11.33
CA SER A 731 -3.09 -1.11 10.00
C SER A 731 -1.80 -1.27 9.18
N GLU A 732 -1.90 -2.02 8.08
CA GLU A 732 -0.78 -2.23 7.17
C GLU A 732 -0.82 -1.27 6.01
N MET A 733 -2.01 -0.78 5.72
CA MET A 733 -2.32 0.02 4.54
C MET A 733 -3.39 1.04 4.90
N VAL A 734 -3.32 2.24 4.32
CA VAL A 734 -4.36 3.27 4.50
C VAL A 734 -4.97 3.56 3.13
N LEU A 735 -6.29 3.69 3.05
CA LEU A 735 -6.91 4.10 1.80
C LEU A 735 -7.06 5.63 1.73
N ALA A 736 -6.26 6.25 0.87
CA ALA A 736 -6.29 7.72 0.74
C ALA A 736 -7.68 8.25 0.43
N ASP A 737 -8.44 7.55 -0.40
CA ASP A 737 -9.78 8.00 -0.79
C ASP A 737 -10.91 7.16 -0.21
N ASP A 738 -10.58 6.39 0.83
CA ASP A 738 -11.55 5.53 1.51
C ASP A 738 -12.26 4.54 0.61
N ASN A 739 -11.75 4.33 -0.61
CA ASN A 739 -12.51 3.64 -1.65
C ASN A 739 -12.25 2.12 -1.74
N PHE A 740 -13.32 1.32 -1.79
CA PHE A 740 -13.20 -0.15 -1.91
C PHE A 740 -12.35 -0.58 -3.09
N SER A 741 -12.60 0.03 -4.25
CA SER A 741 -11.81 -0.22 -5.45
C SER A 741 -10.32 -0.06 -5.21
N THR A 742 -9.93 0.87 -4.32
CA THR A 742 -8.50 1.07 -4.04
C THR A 742 -7.86 -0.23 -3.51
N ILE A 743 -8.58 -0.93 -2.63
CA ILE A 743 -8.13 -2.19 -2.06
C ILE A 743 -7.85 -3.22 -3.14
N VAL A 744 -8.82 -3.42 -4.02
CA VAL A 744 -8.72 -4.40 -5.11
C VAL A 744 -7.51 -4.09 -5.99
N ALA A 745 -7.35 -2.82 -6.33
CA ALA A 745 -6.23 -2.38 -7.11
C ALA A 745 -4.90 -2.62 -6.38
N ALA A 746 -4.92 -2.62 -5.05
CA ALA A 746 -3.71 -2.86 -4.26
C ALA A 746 -3.34 -4.34 -4.27
N VAL A 747 -4.36 -5.20 -4.29
CA VAL A 747 -4.14 -6.61 -4.55
C VAL A 747 -3.56 -6.79 -5.96
N GLU A 748 -4.13 -6.09 -6.94
CA GLU A 748 -3.62 -6.15 -8.30
C GLU A 748 -2.12 -5.85 -8.36
N GLU A 749 -1.67 -4.77 -7.72
CA GLU A 749 -0.24 -4.45 -7.67
C GLU A 749 0.56 -5.49 -6.90
N GLY A 750 0.02 -5.97 -5.79
CA GLY A 750 0.68 -6.95 -4.95
C GLY A 750 1.09 -8.15 -5.78
N ARG A 751 0.15 -8.64 -6.58
CA ARG A 751 0.39 -9.78 -7.46
C ARG A 751 1.37 -9.44 -8.57
N ALA A 752 1.28 -8.22 -9.09
CA ALA A 752 2.18 -7.75 -10.14
C ALA A 752 3.64 -7.68 -9.66
N ILE A 753 3.87 -7.04 -8.51
CA ILE A 753 5.21 -6.98 -7.89
C ILE A 753 5.82 -8.38 -7.79
N TYR A 754 5.03 -9.34 -7.31
CA TYR A 754 5.46 -10.72 -7.22
C TYR A 754 5.98 -11.23 -8.56
N ASN A 755 5.11 -11.22 -9.57
CA ASN A 755 5.49 -11.66 -10.92
C ASN A 755 6.70 -10.90 -11.49
N ASN A 756 6.90 -9.68 -11.03
CA ASN A 756 8.06 -8.92 -11.45
C ASN A 756 9.35 -9.43 -10.80
N MET A 757 9.27 -9.80 -9.52
CA MET A 757 10.41 -10.42 -8.82
C MET A 757 10.80 -11.70 -9.51
N LYS A 758 9.79 -12.51 -9.85
CA LYS A 758 9.99 -13.84 -10.43
C LYS A 758 10.57 -13.77 -11.84
N GLN A 759 10.23 -12.70 -12.56
CA GLN A 759 10.75 -12.48 -13.91
C GLN A 759 12.24 -12.12 -13.83
N PHE A 760 12.59 -11.28 -12.87
CA PHE A 760 13.99 -10.92 -12.64
C PHE A 760 14.78 -12.08 -12.04
N ILE A 761 14.18 -12.79 -11.08
CA ILE A 761 14.81 -13.99 -10.52
C ILE A 761 15.12 -15.03 -11.61
N ARG A 762 14.17 -15.29 -12.51
CA ARG A 762 14.38 -16.24 -13.61
C ARG A 762 15.55 -15.86 -14.50
N TYR A 763 15.64 -14.58 -14.83
CA TYR A 763 16.70 -14.08 -15.70
C TYR A 763 18.06 -14.11 -15.01
N LEU A 764 18.08 -13.77 -13.72
CA LEU A 764 19.31 -13.78 -12.95
C LEU A 764 19.87 -15.20 -12.76
N ILE A 765 19.03 -16.14 -12.32
CA ILE A 765 19.48 -17.51 -12.06
C ILE A 765 19.95 -18.22 -13.33
N SER A 766 19.18 -18.11 -14.41
CA SER A 766 19.54 -18.77 -15.65
C SER A 766 20.87 -18.25 -16.23
N SER A 767 21.08 -16.94 -16.20
CA SER A 767 22.27 -16.32 -16.78
C SER A 767 23.54 -16.62 -15.97
N ASN A 768 23.40 -16.69 -14.66
CA ASN A 768 24.49 -17.13 -13.80
C ASN A 768 24.79 -18.62 -13.95
N VAL A 769 23.73 -19.45 -14.01
CA VAL A 769 23.86 -20.89 -14.27
C VAL A 769 24.55 -21.12 -15.61
N GLY A 770 24.23 -20.28 -16.59
CA GLY A 770 24.90 -20.27 -17.89
C GLY A 770 26.40 -20.11 -17.75
N GLU A 771 26.80 -19.07 -17.01
CA GLU A 771 28.21 -18.83 -16.68
C GLU A 771 28.90 -20.08 -16.12
N VAL A 772 28.23 -20.78 -15.23
CA VAL A 772 28.75 -22.01 -14.61
C VAL A 772 28.87 -23.17 -15.60
N VAL A 773 27.78 -23.48 -16.30
CA VAL A 773 27.77 -24.57 -17.28
C VAL A 773 28.77 -24.33 -18.40
N CYS A 774 28.86 -23.08 -18.86
CA CYS A 774 29.85 -22.64 -19.83
C CYS A 774 31.28 -23.05 -19.46
N ILE A 775 31.72 -22.62 -18.28
CA ILE A 775 33.08 -22.86 -17.80
C ILE A 775 33.32 -24.32 -17.42
N PHE A 776 32.38 -24.90 -16.67
CA PHE A 776 32.49 -26.31 -16.29
C PHE A 776 32.68 -27.23 -17.48
N LEU A 777 31.93 -26.99 -18.57
CA LEU A 777 32.02 -27.81 -19.78
C LEU A 777 33.42 -27.80 -20.41
N THR A 778 34.10 -26.66 -20.33
CA THR A 778 35.45 -26.51 -20.87
C THR A 778 36.47 -27.29 -20.04
N ALA A 779 36.40 -27.14 -18.72
CA ALA A 779 37.30 -27.84 -17.82
C ALA A 779 36.99 -29.33 -17.75
N ALA A 780 35.71 -29.68 -17.87
CA ALA A 780 35.28 -31.08 -17.79
C ALA A 780 35.75 -31.90 -18.99
N LEU A 781 35.49 -31.41 -20.19
CA LEU A 781 35.84 -32.13 -21.41
C LEU A 781 37.34 -32.08 -21.69
N GLY A 782 37.97 -30.95 -21.35
CA GLY A 782 39.39 -30.74 -21.58
C GLY A 782 39.64 -29.75 -22.69
N LEU A 783 38.61 -28.98 -23.04
CA LEU A 783 38.67 -28.00 -24.12
C LEU A 783 39.48 -26.76 -23.71
N PRO A 784 39.96 -25.97 -24.71
CA PRO A 784 40.66 -24.74 -24.39
C PRO A 784 39.69 -23.64 -23.94
N GLU A 785 40.05 -22.98 -22.83
CA GLU A 785 39.24 -21.93 -22.20
C GLU A 785 38.38 -21.10 -23.16
N ALA A 786 37.08 -21.26 -23.06
CA ALA A 786 36.13 -20.56 -23.93
C ALA A 786 36.01 -19.07 -23.60
N LEU A 787 36.18 -18.73 -22.31
CA LEU A 787 36.15 -17.34 -21.86
C LEU A 787 37.20 -17.01 -20.81
N ILE A 788 38.07 -16.06 -21.15
CA ILE A 788 39.07 -15.53 -20.21
C ILE A 788 38.32 -14.75 -19.10
N PRO A 789 38.86 -14.77 -17.85
CA PRO A 789 38.17 -14.19 -16.68
C PRO A 789 37.72 -12.73 -16.80
N VAL A 790 38.53 -11.90 -17.46
CA VAL A 790 38.19 -10.49 -17.66
C VAL A 790 37.02 -10.33 -18.63
N GLN A 791 36.91 -11.27 -19.58
CA GLN A 791 35.76 -11.33 -20.48
C GLN A 791 34.50 -11.71 -19.71
N LEU A 792 34.62 -12.68 -18.82
CA LEU A 792 33.51 -13.12 -17.99
C LEU A 792 33.00 -11.99 -17.10
N LEU A 793 33.93 -11.29 -16.45
CA LEU A 793 33.58 -10.13 -15.63
C LEU A 793 33.06 -8.97 -16.47
N TRP A 794 33.35 -9.01 -17.77
CA TRP A 794 32.81 -8.00 -18.68
C TRP A 794 31.33 -8.22 -18.99
N VAL A 795 30.96 -9.44 -19.40
CA VAL A 795 29.57 -9.76 -19.68
C VAL A 795 28.71 -9.63 -18.43
N ASN A 796 29.23 -10.16 -17.32
CA ASN A 796 28.58 -10.09 -16.03
C ASN A 796 28.18 -8.66 -15.61
N LEU A 797 28.90 -7.68 -16.13
CA LEU A 797 28.66 -6.26 -15.81
C LEU A 797 27.65 -5.61 -16.75
N VAL A 798 27.77 -5.85 -18.06
CA VAL A 798 26.82 -5.27 -19.02
C VAL A 798 25.38 -5.71 -18.72
N THR A 799 25.19 -7.01 -18.55
CA THR A 799 23.87 -7.58 -18.30
C THR A 799 23.24 -7.06 -17.00
N ASP A 800 23.98 -7.16 -15.90
CA ASP A 800 23.52 -6.69 -14.59
C ASP A 800 23.34 -5.16 -14.56
N GLY A 801 24.03 -4.46 -15.45
CA GLY A 801 23.97 -3.00 -15.52
C GLY A 801 22.86 -2.41 -16.38
N LEU A 802 22.74 -2.89 -17.62
CA LEU A 802 21.74 -2.36 -18.55
C LEU A 802 20.46 -3.20 -18.63
N PRO A 803 20.49 -4.37 -19.32
CA PRO A 803 19.24 -5.09 -19.53
C PRO A 803 18.57 -5.62 -18.25
N ALA A 804 19.36 -6.07 -17.28
CA ALA A 804 18.79 -6.64 -16.05
C ALA A 804 17.99 -5.61 -15.25
N THR A 805 18.48 -4.37 -15.21
CA THR A 805 17.78 -3.31 -14.47
C THR A 805 16.57 -2.78 -15.24
N ALA A 806 16.55 -3.02 -16.55
CA ALA A 806 15.43 -2.64 -17.39
C ALA A 806 14.19 -3.47 -17.11
N LEU A 807 14.39 -4.73 -16.69
CA LEU A 807 13.27 -5.62 -16.34
C LEU A 807 12.58 -5.17 -15.05
N GLY A 808 13.25 -4.34 -14.27
CA GLY A 808 12.64 -3.68 -13.13
C GLY A 808 11.55 -2.72 -13.57
N PHE A 809 11.56 -2.38 -14.87
CA PHE A 809 10.59 -1.45 -15.42
C PHE A 809 9.62 -2.08 -16.40
N ASN A 810 9.36 -3.38 -16.29
CA ASN A 810 8.38 -3.97 -17.21
C ASN A 810 6.96 -3.95 -16.66
N PRO A 811 5.96 -4.00 -17.55
CA PRO A 811 4.56 -3.77 -17.15
C PRO A 811 3.98 -4.90 -16.31
N PRO A 812 2.75 -4.72 -15.78
CA PRO A 812 2.08 -5.84 -15.14
C PRO A 812 1.94 -7.02 -16.09
N ASP A 813 2.02 -8.22 -15.53
CA ASP A 813 1.78 -9.44 -16.29
C ASP A 813 0.30 -9.56 -16.62
N LEU A 814 -0.01 -10.36 -17.63
CA LEU A 814 -1.28 -10.22 -18.34
C LEU A 814 -2.55 -10.64 -17.59
N ASP A 815 -2.55 -11.84 -17.03
CA ASP A 815 -3.76 -12.36 -16.37
C ASP A 815 -3.60 -12.66 -14.88
N ILE A 816 -2.96 -11.74 -14.17
CA ILE A 816 -2.67 -11.90 -12.74
C ILE A 816 -3.92 -11.90 -11.86
N MET A 817 -5.01 -11.36 -12.38
CA MET A 817 -6.29 -11.35 -11.69
C MET A 817 -7.24 -12.42 -12.23
N ASP A 818 -6.66 -13.48 -12.79
CA ASP A 818 -7.43 -14.64 -13.24
C ASP A 818 -6.99 -15.93 -12.56
N ARG A 819 -5.77 -15.95 -12.03
CA ARG A 819 -5.31 -17.03 -11.16
C ARG A 819 -5.89 -16.83 -9.75
N PRO A 820 -5.98 -17.91 -8.95
CA PRO A 820 -6.42 -17.74 -7.57
C PRO A 820 -5.28 -17.11 -6.73
N PRO A 821 -5.55 -16.81 -5.44
CA PRO A 821 -4.49 -16.24 -4.62
C PRO A 821 -3.37 -17.23 -4.35
N ARG A 822 -2.14 -16.74 -4.33
CA ARG A 822 -0.97 -17.53 -3.99
C ARG A 822 -1.04 -17.96 -2.51
N SER A 823 -0.71 -19.22 -2.23
CA SER A 823 -0.61 -19.70 -0.86
C SER A 823 0.63 -19.15 -0.15
N PRO A 824 0.50 -18.81 1.15
CA PRO A 824 1.66 -18.39 1.93
C PRO A 824 2.68 -19.51 2.13
N LYS A 825 2.24 -20.75 2.04
CA LYS A 825 3.14 -21.91 2.18
C LYS A 825 3.84 -22.34 0.89
N GLU A 826 3.40 -21.80 -0.25
CA GLU A 826 4.03 -22.06 -1.55
C GLU A 826 5.54 -21.86 -1.52
N PRO A 827 6.29 -22.73 -2.23
CA PRO A 827 7.73 -22.51 -2.34
C PRO A 827 8.04 -21.41 -3.35
N LEU A 828 9.06 -20.61 -3.08
CA LEU A 828 9.45 -19.51 -3.95
C LEU A 828 9.72 -19.97 -5.38
N ILE A 829 10.40 -21.10 -5.52
CA ILE A 829 10.68 -21.69 -6.81
C ILE A 829 10.18 -23.14 -6.85
N SER A 830 9.18 -23.39 -7.69
CA SER A 830 8.64 -24.73 -7.89
C SER A 830 9.64 -25.57 -8.67
N GLY A 831 9.55 -26.90 -8.54
CA GLY A 831 10.43 -27.81 -9.26
C GLY A 831 10.45 -27.53 -10.75
N TRP A 832 9.26 -27.38 -11.31
CA TRP A 832 9.08 -27.00 -12.71
C TRP A 832 9.83 -25.73 -13.09
N LEU A 833 9.82 -24.74 -12.19
CA LEU A 833 10.50 -23.47 -12.43
C LEU A 833 12.00 -23.66 -12.34
N PHE A 834 12.45 -24.45 -11.36
CA PHE A 834 13.87 -24.79 -11.20
C PHE A 834 14.37 -25.62 -12.39
N PHE A 835 13.44 -26.22 -13.11
CA PHE A 835 13.74 -26.92 -14.35
C PHE A 835 13.96 -25.88 -15.46
N ARG A 836 13.05 -24.91 -15.55
CA ARG A 836 13.17 -23.78 -16.48
C ARG A 836 14.44 -22.97 -16.26
N TYR A 837 14.99 -23.06 -15.06
CA TYR A 837 16.25 -22.38 -14.74
C TYR A 837 17.42 -23.18 -15.30
N MET A 838 17.40 -24.49 -15.06
CA MET A 838 18.48 -25.39 -15.50
C MET A 838 18.49 -25.59 -17.01
N ALA A 839 17.33 -25.89 -17.59
CA ALA A 839 17.20 -26.13 -19.02
C ALA A 839 17.67 -24.93 -19.84
N ILE A 840 17.26 -23.73 -19.42
CA ILE A 840 17.68 -22.50 -20.08
C ILE A 840 19.17 -22.21 -19.82
N GLY A 841 19.58 -22.24 -18.55
CA GLY A 841 20.98 -22.08 -18.18
C GLY A 841 21.91 -23.10 -18.84
N GLY A 842 21.39 -24.31 -19.03
CA GLY A 842 22.13 -25.37 -19.70
C GLY A 842 22.38 -25.07 -21.17
N TYR A 843 21.37 -24.51 -21.84
CA TYR A 843 21.49 -24.19 -23.25
C TYR A 843 22.42 -23.02 -23.52
N VAL A 844 22.38 -22.00 -22.67
CA VAL A 844 23.31 -20.86 -22.83
C VAL A 844 24.75 -21.31 -22.60
N GLY A 845 25.00 -22.02 -21.51
CA GLY A 845 26.33 -22.56 -21.21
C GLY A 845 26.90 -23.40 -22.34
N ALA A 846 26.06 -24.24 -22.93
CA ALA A 846 26.45 -25.07 -24.07
C ALA A 846 26.60 -24.25 -25.35
N ALA A 847 25.77 -23.20 -25.50
CA ALA A 847 25.80 -22.36 -26.71
C ALA A 847 27.04 -21.49 -26.78
N THR A 848 27.53 -21.03 -25.62
CA THR A 848 28.77 -20.25 -25.55
C THR A 848 29.99 -21.12 -25.83
N VAL A 849 30.04 -22.31 -25.22
CA VAL A 849 31.15 -23.24 -25.41
C VAL A 849 31.09 -23.87 -26.82
N GLY A 850 29.88 -24.01 -27.35
CA GLY A 850 29.67 -24.51 -28.71
C GLY A 850 30.08 -23.52 -29.78
N ALA A 851 30.02 -22.22 -29.44
CA ALA A 851 30.38 -21.15 -30.38
C ALA A 851 31.88 -21.02 -30.55
N ALA A 852 32.64 -21.32 -29.50
CA ALA A 852 34.10 -21.38 -29.59
C ALA A 852 34.52 -22.66 -30.31
N ALA A 853 33.96 -23.78 -29.86
CA ALA A 853 34.19 -25.09 -30.46
C ALA A 853 33.78 -25.16 -31.93
N TRP A 854 32.74 -24.42 -32.30
CA TRP A 854 32.30 -24.37 -33.69
C TRP A 854 33.36 -23.76 -34.60
N TRP A 855 34.03 -22.71 -34.13
CA TRP A 855 35.12 -22.09 -34.88
C TRP A 855 36.26 -23.08 -35.16
N PHE A 856 36.50 -23.96 -34.18
CA PHE A 856 37.49 -25.02 -34.31
C PHE A 856 37.02 -26.16 -35.21
N MET A 857 35.75 -26.56 -35.07
CA MET A 857 35.23 -27.74 -35.78
C MET A 857 34.89 -27.49 -37.25
N TYR A 858 33.79 -26.78 -37.50
CA TYR A 858 33.20 -26.67 -38.83
C TYR A 858 33.29 -25.27 -39.45
N ALA A 859 34.31 -24.49 -39.07
CA ALA A 859 34.40 -23.10 -39.51
C ALA A 859 35.61 -22.80 -40.38
N GLU A 860 35.38 -22.04 -41.45
CA GLU A 860 36.41 -21.73 -42.44
C GLU A 860 37.37 -20.62 -42.00
N ASP A 861 38.16 -20.90 -40.95
CA ASP A 861 39.23 -20.01 -40.51
C ASP A 861 40.37 -20.80 -39.83
N GLY A 862 40.81 -21.87 -40.49
CA GLY A 862 41.84 -22.76 -39.93
C GLY A 862 41.26 -23.62 -38.82
N PRO A 863 40.71 -24.79 -39.19
CA PRO A 863 39.95 -25.62 -38.25
C PRO A 863 40.72 -26.80 -37.64
N GLY A 864 40.15 -27.35 -36.56
CA GLY A 864 40.58 -28.62 -35.99
C GLY A 864 39.84 -29.74 -36.69
N VAL A 865 39.58 -30.83 -35.98
CA VAL A 865 39.04 -32.04 -36.63
C VAL A 865 37.56 -32.29 -36.30
N THR A 866 36.78 -32.64 -37.33
CA THR A 866 35.34 -32.92 -37.21
C THR A 866 35.04 -34.22 -36.44
N TYR A 867 36.05 -35.08 -36.32
CA TYR A 867 36.03 -36.19 -35.37
C TYR A 867 36.09 -35.61 -33.97
N HIS A 868 37.29 -35.60 -33.38
CA HIS A 868 37.54 -35.01 -32.06
C HIS A 868 39.04 -34.97 -31.78
N GLN A 869 39.65 -33.80 -31.91
CA GLN A 869 41.07 -33.62 -31.67
C GLN A 869 41.34 -32.46 -30.71
N LEU A 870 40.48 -31.44 -30.78
CA LEU A 870 40.58 -30.24 -29.94
C LEU A 870 40.68 -30.53 -28.45
N THR A 871 40.09 -31.66 -28.03
CA THR A 871 40.16 -32.13 -26.64
C THR A 871 41.60 -32.18 -26.12
N HIS A 872 42.52 -32.57 -27.00
CA HIS A 872 43.90 -32.79 -26.59
C HIS A 872 44.85 -31.71 -27.11
N PHE A 873 44.34 -30.49 -27.20
CA PHE A 873 45.10 -29.29 -27.57
C PHE A 873 46.36 -29.11 -26.70
N MET A 874 46.32 -29.71 -25.52
CA MET A 874 47.39 -29.67 -24.52
C MET A 874 48.78 -30.10 -25.04
N GLN A 875 48.80 -31.00 -26.01
CA GLN A 875 50.05 -31.57 -26.52
C GLN A 875 50.25 -31.21 -28.00
N CYS A 876 51.15 -30.26 -28.25
CA CYS A 876 51.27 -29.67 -29.58
C CYS A 876 52.66 -29.12 -29.93
N THR A 877 53.16 -28.20 -29.10
CA THR A 877 54.41 -27.47 -29.41
C THR A 877 55.61 -28.41 -29.62
N GLU A 878 55.78 -29.37 -28.72
CA GLU A 878 56.78 -30.44 -28.89
C GLU A 878 56.18 -31.67 -29.58
N ASP A 879 54.88 -31.89 -29.36
CA ASP A 879 54.17 -33.03 -29.94
C ASP A 879 53.49 -32.66 -31.27
N HIS A 880 54.31 -32.19 -32.21
CA HIS A 880 53.83 -31.77 -33.54
C HIS A 880 53.70 -32.92 -34.55
N PRO A 881 54.75 -33.77 -34.69
CA PRO A 881 54.70 -34.81 -35.72
C PRO A 881 53.58 -35.85 -35.58
N HIS A 882 53.14 -36.12 -34.35
CA HIS A 882 52.06 -37.07 -34.11
C HIS A 882 50.69 -36.39 -34.03
N PHE A 883 49.84 -36.71 -35.00
CA PHE A 883 48.42 -36.29 -35.03
C PHE A 883 48.18 -34.79 -34.86
N GLU A 884 48.78 -33.99 -35.74
CA GLU A 884 48.51 -32.54 -35.80
C GLU A 884 48.55 -32.04 -37.25
N GLY A 885 49.75 -31.83 -37.78
CA GLY A 885 49.93 -31.30 -39.13
C GLY A 885 49.53 -29.84 -39.29
N LEU A 886 49.55 -29.10 -38.19
CA LEU A 886 49.26 -27.65 -38.23
C LEU A 886 49.95 -26.88 -37.09
N ASP A 887 49.74 -25.56 -37.08
CA ASP A 887 50.35 -24.65 -36.10
C ASP A 887 49.80 -24.86 -34.69
N CYS A 888 50.60 -24.52 -33.68
CA CYS A 888 50.21 -24.65 -32.26
C CYS A 888 50.29 -23.34 -31.49
N GLU A 889 49.46 -22.39 -31.91
CA GLU A 889 49.31 -21.09 -31.26
C GLU A 889 47.94 -20.56 -31.66
N ILE A 890 47.23 -21.37 -32.43
CA ILE A 890 45.89 -21.07 -32.92
C ILE A 890 44.87 -21.49 -31.86
N PHE A 891 45.39 -21.96 -30.72
CA PHE A 891 44.58 -22.30 -29.55
C PHE A 891 44.55 -21.11 -28.59
N GLU A 892 45.54 -20.23 -28.72
CA GLU A 892 45.58 -18.95 -28.04
C GLU A 892 44.94 -17.88 -28.94
N ALA A 893 44.33 -18.32 -30.05
CA ALA A 893 43.73 -17.44 -31.05
C ALA A 893 42.68 -16.50 -30.46
N PRO A 894 42.59 -15.26 -31.00
CA PRO A 894 41.69 -14.24 -30.46
C PRO A 894 40.32 -14.16 -31.17
N GLU A 895 39.94 -15.24 -31.87
CA GLU A 895 38.68 -15.28 -32.59
C GLU A 895 37.66 -16.28 -32.00
N PRO A 896 38.12 -17.41 -31.44
CA PRO A 896 37.19 -18.35 -30.82
C PRO A 896 36.63 -17.84 -29.49
N MET A 897 37.38 -16.96 -28.83
CA MET A 897 36.96 -16.38 -27.56
C MET A 897 36.00 -15.20 -27.75
N THR A 898 36.00 -14.63 -28.95
CA THR A 898 35.05 -13.57 -29.29
C THR A 898 33.73 -14.13 -29.82
N MET A 899 33.77 -15.32 -30.41
CA MET A 899 32.56 -16.05 -30.77
C MET A 899 31.81 -16.50 -29.51
N ALA A 900 32.57 -16.91 -28.50
CA ALA A 900 32.00 -17.35 -27.22
C ALA A 900 31.42 -16.18 -26.44
N LEU A 901 32.13 -15.05 -26.45
CA LEU A 901 31.67 -13.83 -25.80
C LEU A 901 30.41 -13.30 -26.47
N SER A 902 30.45 -13.12 -27.79
CA SER A 902 29.34 -12.56 -28.55
C SER A 902 28.06 -13.39 -28.46
N VAL A 903 28.20 -14.71 -28.39
CA VAL A 903 27.06 -15.60 -28.23
C VAL A 903 26.45 -15.45 -26.84
N LEU A 904 27.31 -15.28 -25.83
CA LEU A 904 26.84 -15.04 -24.47
C LEU A 904 26.06 -13.73 -24.40
N VAL A 905 26.66 -12.65 -24.91
CA VAL A 905 26.03 -11.33 -24.89
C VAL A 905 24.69 -11.31 -25.62
N THR A 906 24.63 -11.86 -26.83
CA THR A 906 23.38 -11.81 -27.61
C THR A 906 22.31 -12.73 -27.03
N ILE A 907 22.72 -13.88 -26.51
CA ILE A 907 21.78 -14.79 -25.88
C ILE A 907 21.31 -14.24 -24.52
N GLU A 908 22.06 -13.28 -23.98
CA GLU A 908 21.66 -12.57 -22.76
C GLU A 908 20.60 -11.53 -23.08
N MET A 909 20.74 -10.84 -24.20
CA MET A 909 19.72 -9.91 -24.65
C MET A 909 18.46 -10.67 -25.00
N CYS A 910 18.63 -11.87 -25.57
CA CYS A 910 17.51 -12.72 -25.92
C CYS A 910 16.80 -13.25 -24.68
N ASN A 911 17.58 -13.73 -23.72
CA ASN A 911 17.03 -14.27 -22.48
C ASN A 911 16.25 -13.22 -21.70
N ALA A 912 16.57 -11.95 -21.96
CA ALA A 912 15.84 -10.83 -21.37
C ALA A 912 14.45 -10.71 -21.96
N LEU A 913 14.33 -10.98 -23.26
CA LEU A 913 13.03 -10.97 -23.93
C LEU A 913 12.14 -12.11 -23.42
N ASN A 914 12.76 -13.15 -22.89
CA ASN A 914 12.02 -14.25 -22.28
C ASN A 914 11.55 -13.90 -20.86
N SER A 915 12.05 -12.79 -20.33
CA SER A 915 11.70 -12.32 -18.99
C SER A 915 10.72 -11.14 -19.01
N LEU A 916 10.03 -10.95 -20.12
CA LEU A 916 8.99 -9.91 -20.23
C LEU A 916 7.71 -10.35 -19.54
N SER A 917 7.55 -11.66 -19.42
CA SER A 917 6.37 -12.26 -18.83
C SER A 917 6.72 -13.65 -18.31
N GLU A 918 6.10 -14.04 -17.19
CA GLU A 918 6.36 -15.37 -16.64
C GLU A 918 5.86 -16.49 -17.54
N ASN A 919 4.67 -16.34 -18.10
CA ASN A 919 4.12 -17.39 -18.94
C ASN A 919 3.53 -16.98 -20.29
N GLN A 920 3.56 -15.69 -20.61
CA GLN A 920 3.00 -15.25 -21.89
C GLN A 920 4.03 -15.28 -23.01
N SER A 921 3.59 -15.77 -24.17
CA SER A 921 4.44 -15.83 -25.34
C SER A 921 4.67 -14.44 -25.92
N LEU A 922 5.81 -14.27 -26.58
CA LEU A 922 6.14 -13.01 -27.26
C LEU A 922 5.14 -12.70 -28.36
N MET A 923 4.34 -13.70 -28.74
CA MET A 923 3.27 -13.49 -29.70
C MET A 923 2.12 -12.70 -29.09
N ARG A 924 1.95 -12.84 -27.77
CA ARG A 924 0.93 -12.08 -27.04
C ARG A 924 1.52 -10.85 -26.36
N MET A 925 2.72 -10.97 -25.80
CA MET A 925 3.40 -9.83 -25.19
C MET A 925 4.68 -9.52 -25.95
N PRO A 926 4.57 -8.63 -26.96
CA PRO A 926 5.66 -8.40 -27.93
C PRO A 926 6.88 -7.74 -27.31
N PRO A 927 8.07 -7.91 -27.93
CA PRO A 927 9.32 -7.33 -27.47
C PRO A 927 9.22 -5.86 -27.05
N TRP A 928 8.31 -5.13 -27.68
CA TRP A 928 8.17 -3.69 -27.45
C TRP A 928 7.24 -3.32 -26.30
N VAL A 929 6.81 -4.34 -25.55
CA VAL A 929 6.01 -4.14 -24.35
C VAL A 929 6.83 -3.37 -23.30
N ASN A 930 8.02 -3.86 -22.96
CA ASN A 930 8.97 -3.06 -22.20
C ASN A 930 9.94 -2.40 -23.18
N ILE A 931 9.65 -1.14 -23.48
CA ILE A 931 10.39 -0.36 -24.48
C ILE A 931 11.76 0.09 -23.95
N TRP A 932 11.94 -0.02 -22.64
CA TRP A 932 13.20 0.34 -22.00
C TRP A 932 14.20 -0.78 -22.14
N LEU A 933 13.70 -2.01 -22.07
CA LEU A 933 14.50 -3.20 -22.32
C LEU A 933 15.14 -3.14 -23.71
N LEU A 934 14.36 -2.80 -24.73
CA LEU A 934 14.86 -2.64 -26.09
C LEU A 934 15.96 -1.58 -26.16
N GLY A 935 15.76 -0.47 -25.46
CA GLY A 935 16.75 0.60 -25.39
C GLY A 935 18.08 0.11 -24.83
N SER A 936 18.02 -0.50 -23.65
CA SER A 936 19.22 -1.01 -22.99
C SER A 936 19.95 -2.09 -23.79
N ILE A 937 19.22 -2.81 -24.64
CA ILE A 937 19.84 -3.76 -25.58
C ILE A 937 20.70 -3.00 -26.58
N CYS A 938 20.10 -2.04 -27.27
CA CYS A 938 20.80 -1.20 -28.24
C CYS A 938 22.03 -0.53 -27.61
N LEU A 939 21.90 -0.12 -26.35
CA LEU A 939 23.01 0.42 -25.57
C LEU A 939 24.05 -0.64 -25.27
N SER A 940 23.61 -1.87 -25.02
CA SER A 940 24.51 -2.99 -24.81
C SER A 940 25.29 -3.38 -26.08
N MET A 941 24.63 -3.26 -27.23
CA MET A 941 25.25 -3.58 -28.52
C MET A 941 26.27 -2.52 -28.95
N SER A 942 25.94 -1.25 -28.69
CA SER A 942 26.82 -0.14 -29.04
C SER A 942 28.06 -0.08 -28.14
N LEU A 943 27.99 -0.75 -26.98
CA LEU A 943 29.16 -0.94 -26.12
C LEU A 943 30.02 -2.12 -26.61
N HIS A 944 29.36 -3.14 -27.14
CA HIS A 944 30.02 -4.32 -27.66
C HIS A 944 30.75 -4.02 -28.98
N PHE A 945 30.13 -3.17 -29.81
CA PHE A 945 30.74 -2.71 -31.06
C PHE A 945 31.85 -1.68 -30.82
N LEU A 946 32.33 -1.61 -29.57
CA LEU A 946 33.39 -0.68 -29.20
C LEU A 946 34.61 -1.41 -28.67
N ILE A 947 34.41 -2.55 -28.02
CA ILE A 947 35.53 -3.41 -27.61
C ILE A 947 35.95 -4.38 -28.71
N LEU A 948 35.37 -4.19 -29.90
CA LEU A 948 35.77 -4.94 -31.08
C LEU A 948 36.30 -4.03 -32.18
N TYR A 949 36.08 -2.72 -32.04
CA TYR A 949 36.39 -1.79 -33.12
C TYR A 949 37.27 -0.59 -32.73
N VAL A 950 37.02 0.02 -31.57
CA VAL A 950 37.91 1.08 -31.08
C VAL A 950 39.22 0.44 -30.61
N ASP A 951 40.30 0.80 -31.30
CA ASP A 951 41.48 -0.07 -31.45
C ASP A 951 42.43 -0.31 -30.25
N PRO A 952 42.27 0.42 -29.13
CA PRO A 952 43.07 -0.02 -27.98
C PRO A 952 42.46 -1.20 -27.21
N LEU A 953 41.14 -1.34 -27.29
CA LEU A 953 40.40 -2.29 -26.44
C LEU A 953 40.43 -3.77 -26.85
N PRO A 954 40.27 -4.09 -28.16
CA PRO A 954 40.28 -5.50 -28.56
C PRO A 954 41.59 -6.20 -28.21
N MET A 955 42.63 -5.40 -27.96
CA MET A 955 43.93 -5.90 -27.55
C MET A 955 43.91 -6.35 -26.10
N ILE A 956 43.14 -5.63 -25.28
CA ILE A 956 43.01 -5.95 -23.86
C ILE A 956 41.99 -7.07 -23.63
N PHE A 957 41.09 -7.25 -24.60
CA PHE A 957 40.24 -8.43 -24.67
C PHE A 957 40.70 -9.25 -25.90
N LYS A 958 39.77 -9.61 -26.79
CA LYS A 958 40.14 -10.32 -28.03
C LYS A 958 39.60 -9.61 -29.29
N LEU A 959 39.96 -10.12 -30.46
CA LEU A 959 39.73 -9.41 -31.74
C LEU A 959 38.39 -9.73 -32.40
N LYS A 960 37.94 -8.82 -33.28
CA LYS A 960 36.58 -8.82 -33.85
C LYS A 960 36.15 -10.06 -34.64
N ALA A 961 34.84 -10.17 -34.86
CA ALA A 961 34.23 -11.21 -35.69
C ALA A 961 33.89 -10.66 -37.07
N LEU A 962 33.92 -11.53 -38.09
CA LEU A 962 33.75 -11.13 -39.49
C LEU A 962 32.45 -10.35 -39.73
N ASP A 963 32.51 -9.41 -40.67
CA ASP A 963 31.41 -8.48 -40.96
C ASP A 963 30.01 -9.09 -41.14
N LEU A 964 29.96 -10.32 -41.66
CA LEU A 964 28.67 -10.99 -41.88
C LEU A 964 28.57 -12.45 -41.38
N THR A 965 29.17 -13.37 -42.12
CA THR A 965 28.95 -14.81 -41.95
C THR A 965 29.08 -15.33 -40.52
N GLN A 966 30.00 -14.73 -39.76
CA GLN A 966 30.23 -15.14 -38.37
C GLN A 966 29.12 -14.67 -37.42
N TRP A 967 28.54 -13.50 -37.70
CA TRP A 967 27.43 -12.99 -36.90
C TRP A 967 26.16 -13.82 -37.08
N LEU A 968 25.96 -14.33 -38.29
CA LEU A 968 24.80 -15.17 -38.61
C LEU A 968 24.83 -16.50 -37.84
N MET A 969 26.01 -16.95 -37.47
CA MET A 969 26.15 -18.11 -36.61
C MET A 969 25.88 -17.75 -35.14
N VAL A 970 26.35 -16.59 -34.73
CA VAL A 970 26.07 -16.06 -33.38
C VAL A 970 24.56 -15.91 -33.18
N LEU A 971 23.84 -15.62 -34.26
CA LEU A 971 22.39 -15.40 -34.20
C LEU A 971 21.59 -16.69 -34.31
N LYS A 972 22.03 -17.61 -35.16
CA LYS A 972 21.34 -18.90 -35.29
C LYS A 972 21.63 -19.82 -34.10
N ILE A 973 22.71 -19.53 -33.38
CA ILE A 973 23.03 -20.23 -32.13
C ILE A 973 22.20 -19.67 -30.97
N SER A 974 22.14 -18.34 -30.89
CA SER A 974 21.50 -17.67 -29.76
C SER A 974 19.97 -17.64 -29.80
N LEU A 975 19.40 -17.36 -30.97
CA LEU A 975 17.95 -17.17 -31.12
C LEU A 975 17.04 -18.32 -30.66
N PRO A 976 17.48 -19.60 -30.78
CA PRO A 976 16.67 -20.69 -30.26
C PRO A 976 16.43 -20.68 -28.73
N VAL A 977 17.14 -19.82 -28.00
CA VAL A 977 16.87 -19.67 -26.56
C VAL A 977 15.48 -19.08 -26.37
N ILE A 978 15.07 -18.23 -27.31
CA ILE A 978 13.73 -17.69 -27.33
C ILE A 978 12.76 -18.79 -27.70
N GLY A 979 13.09 -19.56 -28.73
CA GLY A 979 12.27 -20.68 -29.17
C GLY A 979 12.06 -21.77 -28.13
N LEU A 980 13.07 -21.99 -27.31
CA LEU A 980 13.02 -23.02 -26.26
C LEU A 980 12.10 -22.61 -25.12
N ASP A 981 12.28 -21.38 -24.63
CA ASP A 981 11.49 -20.87 -23.53
C ASP A 981 10.02 -20.77 -23.93
N GLU A 982 9.77 -20.59 -25.22
CA GLU A 982 8.41 -20.55 -25.73
C GLU A 982 7.72 -21.90 -25.53
N ILE A 983 8.41 -22.99 -25.85
CA ILE A 983 7.90 -24.34 -25.62
C ILE A 983 7.64 -24.57 -24.13
N LEU A 984 8.60 -24.18 -23.29
CA LEU A 984 8.43 -24.28 -21.84
C LEU A 984 7.29 -23.40 -21.31
N LYS A 985 7.01 -22.29 -21.98
CA LYS A 985 5.87 -21.44 -21.65
C LYS A 985 4.58 -22.08 -22.15
N PHE A 986 4.64 -22.74 -23.30
CA PHE A 986 3.50 -23.49 -23.85
C PHE A 986 3.12 -24.62 -22.89
N ILE A 987 4.13 -25.34 -22.40
CA ILE A 987 3.92 -26.42 -21.43
C ILE A 987 3.66 -25.83 -20.05
N ALA A 988 3.07 -24.64 -20.04
CA ALA A 988 2.67 -23.97 -18.81
C ALA A 988 1.32 -23.28 -19.03
N ARG A 989 1.18 -22.62 -20.18
CA ARG A 989 -0.11 -22.05 -20.58
C ARG A 989 -1.11 -23.15 -20.91
N ASN A 990 -0.75 -24.00 -21.87
CA ASN A 990 -1.62 -25.10 -22.29
C ASN A 990 -1.57 -26.29 -21.33
N TYR A 991 -0.67 -26.24 -20.36
CA TYR A 991 -0.66 -27.22 -19.27
C TYR A 991 -1.81 -26.95 -18.29
N LEU A 992 -2.01 -25.69 -17.93
CA LEU A 992 -3.11 -25.28 -17.05
C LEU A 992 -4.47 -25.38 -17.77
N PRO B 21 4.20 11.60 -19.59
CA PRO B 21 5.50 11.16 -19.10
C PRO B 21 5.76 11.61 -17.65
N GLN B 22 5.93 10.64 -16.76
CA GLN B 22 6.19 10.90 -15.34
C GLN B 22 7.02 9.81 -14.68
N GLN B 23 6.45 8.60 -14.61
CA GLN B 23 7.09 7.46 -13.93
C GLN B 23 7.98 6.66 -14.87
N ALA B 24 7.57 6.57 -16.14
CA ALA B 24 8.36 5.93 -17.18
C ALA B 24 9.63 6.73 -17.47
N ARG B 25 9.61 8.01 -17.13
CA ARG B 25 10.73 8.93 -17.38
C ARG B 25 11.92 8.67 -16.44
N GLN B 26 11.71 7.87 -15.40
CA GLN B 26 12.79 7.49 -14.49
C GLN B 26 13.50 6.21 -14.94
N ALA B 27 13.07 5.64 -16.04
CA ALA B 27 13.76 4.50 -16.64
C ALA B 27 14.94 5.02 -17.48
N LEU B 28 14.71 6.11 -18.21
CA LEU B 28 15.76 6.78 -18.98
C LEU B 28 16.87 7.28 -18.07
N GLN B 29 16.48 7.85 -16.92
CA GLN B 29 17.43 8.32 -15.92
C GLN B 29 18.25 7.18 -15.33
N CYS B 30 17.61 6.03 -15.12
CA CYS B 30 18.24 4.88 -14.49
C CYS B 30 19.28 4.24 -15.42
N LEU B 31 18.89 4.01 -16.66
CA LEU B 31 19.78 3.39 -17.65
C LEU B 31 20.93 4.31 -18.04
N PHE B 32 20.65 5.60 -18.21
CA PHE B 32 21.69 6.56 -18.59
C PHE B 32 22.82 6.62 -17.55
N ILE B 33 22.46 6.55 -16.27
CA ILE B 33 23.43 6.50 -15.19
C ILE B 33 24.27 5.22 -15.28
N ASN B 34 23.61 4.09 -15.54
CA ASN B 34 24.31 2.82 -15.71
C ASN B 34 25.16 2.76 -16.98
N PHE B 35 24.69 3.39 -18.05
CA PHE B 35 25.45 3.50 -19.29
C PHE B 35 26.72 4.31 -19.07
N CYS B 36 26.58 5.50 -18.48
CA CYS B 36 27.72 6.36 -18.15
C CYS B 36 28.73 5.65 -17.27
N ALA B 37 28.24 4.91 -16.28
CA ALA B 37 29.10 4.15 -15.37
C ALA B 37 29.90 3.08 -16.11
N ILE B 38 29.25 2.35 -17.01
CA ILE B 38 29.95 1.33 -17.80
C ILE B 38 30.89 1.97 -18.83
N LEU B 39 30.42 3.03 -19.49
CA LEU B 39 31.23 3.73 -20.51
C LEU B 39 32.50 4.34 -19.94
N ILE B 40 32.37 5.07 -18.83
CA ILE B 40 33.52 5.64 -18.12
C ILE B 40 34.54 4.55 -17.80
N CYS B 41 34.05 3.40 -17.38
CA CYS B 41 34.90 2.25 -17.08
C CYS B 41 35.80 1.87 -18.25
N LEU B 42 35.22 1.82 -19.46
CA LEU B 42 35.97 1.49 -20.68
C LEU B 42 36.99 2.56 -21.07
N LEU B 43 36.58 3.83 -20.99
CA LEU B 43 37.47 4.95 -21.33
C LEU B 43 38.68 5.06 -20.40
N LEU B 44 38.53 4.58 -19.17
CA LEU B 44 39.66 4.51 -18.24
C LEU B 44 40.64 3.41 -18.62
N ILE B 45 40.11 2.31 -19.16
CA ILE B 45 40.93 1.23 -19.71
C ILE B 45 41.63 1.71 -20.99
N CYS B 46 40.99 2.63 -21.71
CA CYS B 46 41.60 3.32 -22.86
C CYS B 46 42.79 4.19 -22.43
N ILE B 47 42.53 5.12 -21.51
CA ILE B 47 43.56 6.05 -21.02
C ILE B 47 44.79 5.31 -20.46
N ILE B 48 44.56 4.32 -19.60
CA ILE B 48 45.63 3.45 -19.11
C ILE B 48 46.22 2.66 -20.29
N GLY B 49 47.40 3.08 -20.75
CA GLY B 49 48.05 2.48 -21.91
C GLY B 49 48.80 3.50 -22.73
N GLN C 26 21.84 12.12 -12.09
CA GLN C 26 22.23 11.95 -13.52
C GLN C 26 23.26 12.99 -13.95
N ALA C 27 23.09 14.22 -13.49
CA ALA C 27 23.96 15.36 -13.86
C ALA C 27 25.39 15.24 -13.33
N LEU C 28 25.62 14.32 -12.39
CA LEU C 28 26.93 14.05 -11.83
C LEU C 28 27.74 13.08 -12.71
N GLN C 29 27.12 11.95 -13.06
CA GLN C 29 27.72 10.96 -13.96
C GLN C 29 27.92 11.49 -15.40
N CYS C 30 27.10 12.46 -15.79
CA CYS C 30 27.19 13.10 -17.10
C CYS C 30 28.22 14.23 -17.16
N LEU C 31 28.66 14.69 -15.99
CA LEU C 31 29.76 15.64 -15.91
C LEU C 31 31.09 14.91 -16.07
N PHE C 32 31.15 13.66 -15.61
CA PHE C 32 32.35 12.83 -15.72
C PHE C 32 32.53 12.22 -17.11
N ILE C 33 31.44 12.11 -17.87
CA ILE C 33 31.49 11.55 -19.23
C ILE C 33 32.14 12.51 -20.23
N ASN C 34 32.13 13.81 -19.91
CA ASN C 34 32.76 14.82 -20.76
C ASN C 34 34.08 15.32 -20.19
N PHE C 35 34.21 15.30 -18.86
CA PHE C 35 35.44 15.69 -18.16
C PHE C 35 36.57 14.68 -18.40
N CYS C 36 36.19 13.44 -18.72
CA CYS C 36 37.15 12.36 -18.99
C CYS C 36 37.17 11.92 -20.46
N ALA C 37 36.21 12.39 -21.25
CA ALA C 37 36.24 12.23 -22.70
C ALA C 37 37.20 13.23 -23.34
N ILE C 38 37.51 14.29 -22.61
CA ILE C 38 38.56 15.24 -22.99
C ILE C 38 39.93 14.63 -22.64
N LEU C 39 39.94 13.71 -21.68
CA LEU C 39 41.15 12.99 -21.29
C LEU C 39 41.51 11.84 -22.24
N ILE C 40 40.79 11.73 -23.35
CA ILE C 40 41.15 10.80 -24.44
C ILE C 40 41.43 11.57 -25.73
C1 GLC D . -46.38 29.58 13.51
C2 GLC D . -47.42 30.00 12.43
C3 GLC D . -46.87 30.63 11.13
C4 GLC D . -45.41 31.02 11.20
C5 GLC D . -44.66 29.85 11.81
C6 GLC D . -43.15 30.00 11.65
O1 GLC D . -46.45 28.21 13.92
O2 GLC D . -48.30 28.92 12.07
O3 GLC D . -47.62 31.81 10.80
O4 GLC D . -44.87 31.35 9.92
O5 GLC D . -45.00 29.86 13.19
O6 GLC D . -42.70 31.10 12.45
C1 GLC D . -44.89 32.76 9.65
C2 GLC D . -45.02 32.99 8.15
C3 GLC D . -43.71 32.62 7.46
C4 GLC D . -42.53 33.41 8.01
C5 GLC D . -42.46 33.33 9.54
C6 GLC D . -41.63 34.49 10.05
O2 GLC D . -46.08 32.18 7.65
O3 GLC D . -43.80 32.84 6.05
O4 GLC D . -41.32 32.91 7.43
O5 GLC D . -43.74 33.42 10.21
O6 GLC D . -40.39 33.96 10.52
C1 GLC E . -50.57 17.90 20.65
C2 GLC E . -50.85 17.72 22.15
C3 GLC E . -51.73 16.51 22.43
C4 GLC E . -52.87 16.47 21.43
C5 GLC E . -52.24 16.13 20.07
C6 GLC E . -53.14 16.41 18.88
O1 GLC E . -49.18 18.18 20.39
O2 GLC E . -49.65 17.58 22.92
O3 GLC E . -52.20 16.53 23.77
O4 GLC E . -53.83 15.50 21.83
O5 GLC E . -50.95 16.76 19.85
O6 GLC E . -52.65 15.66 17.75
C1 GLC E . -55.15 15.99 22.12
C2 GLC E . -55.72 15.38 23.41
C3 GLC E . -55.90 13.86 23.24
C4 GLC E . -56.82 13.58 22.06
C5 GLC E . -56.22 14.24 20.81
C6 GLC E . -57.07 14.05 19.57
O2 GLC E . -54.89 15.67 24.55
O3 GLC E . -56.40 13.25 24.43
O4 GLC E . -56.92 12.17 21.92
O5 GLC E . -56.04 15.65 21.05
O6 GLC E . -56.48 14.78 18.47
K K F . -2.41 -6.52 11.07
#